data_5VGW
# 
_entry.id   5VGW 
# 
_audit_conform.dict_name       mmcif_pdbx.dic 
_audit_conform.dict_version    5.379 
_audit_conform.dict_location   http://mmcif.pdb.org/dictionaries/ascii/mmcif_pdbx.dic 
# 
loop_
_database_2.database_id 
_database_2.database_code 
_database_2.pdbx_database_accession 
_database_2.pdbx_DOI 
PDB   5VGW         pdb_00005vgw 10.2210/pdb5vgw/pdb 
WWPDB D_1000227412 ?            ?                   
# 
_pdbx_database_status.status_code                     REL 
_pdbx_database_status.status_code_sf                  REL 
_pdbx_database_status.status_code_mr                  ? 
_pdbx_database_status.entry_id                        5VGW 
_pdbx_database_status.recvd_initial_deposition_date   2017-04-11 
_pdbx_database_status.SG_entry                        N 
_pdbx_database_status.deposit_site                    RCSB 
_pdbx_database_status.process_site                    RCSB 
_pdbx_database_status.status_code_cs                  ? 
_pdbx_database_status.methods_development_category    ? 
_pdbx_database_status.pdb_format_compatible           Y 
_pdbx_database_status.status_code_nmr_data            ? 
# 
loop_
_audit_author.name 
_audit_author.pdbx_ordinal 
_audit_author.identifier_ORCID 
'Zhang, W.'     1 ? 
'Szostak, J.W.' 2 ? 
# 
_citation.abstract                  ? 
_citation.abstract_id_CAS           ? 
_citation.book_id_ISBN              ? 
_citation.book_publisher            ? 
_citation.book_publisher_city       ? 
_citation.book_title                ? 
_citation.coordinate_linkage        ? 
_citation.country                   US 
_citation.database_id_Medline       ? 
_citation.details                   ? 
_citation.id                        primary 
_citation.journal_abbrev            'J. Am. Chem. Soc.' 
_citation.journal_id_ASTM           JACSAT 
_citation.journal_id_CSD            ? 
_citation.journal_id_ISSN           1520-5126 
_citation.journal_full              ? 
_citation.journal_issue             ? 
_citation.journal_volume            140 
_citation.language                  ? 
_citation.page_first                2829 
_citation.page_last                 2840 
_citation.title                     
'Structural Rationale for the Enhanced Catalysis of Nonenzymatic RNA Primer Extension by a Downstream Oligonucleotide.' 
_citation.year                      2018 
_citation.database_id_CSD           ? 
_citation.pdbx_database_id_DOI      10.1021/jacs.7b11750 
_citation.pdbx_database_id_PubMed   29411978 
_citation.unpublished_flag          ? 
# 
loop_
_citation_author.citation_id 
_citation_author.name 
_citation_author.ordinal 
_citation_author.identifier_ORCID 
primary 'Zhang, W.'     1 ? 
primary 'Tam, C.P.'     2 ? 
primary 'Zhou, L.'      3 ? 
primary 'Oh, S.S.'      4 ? 
primary 'Wang, J.'      5 ? 
primary 'Szostak, J.W.' 6 ? 
# 
_cell.angle_alpha                  90.00 
_cell.angle_alpha_esd              ? 
_cell.angle_beta                   90.00 
_cell.angle_beta_esd               ? 
_cell.angle_gamma                  120.00 
_cell.angle_gamma_esd              ? 
_cell.entry_id                     5VGW 
_cell.details                      ? 
_cell.formula_units_Z              ? 
_cell.length_a                     71.055 
_cell.length_a_esd                 ? 
_cell.length_b                     71.055 
_cell.length_b_esd                 ? 
_cell.length_c                     69.781 
_cell.length_c_esd                 ? 
_cell.volume                       ? 
_cell.volume_esd                   ? 
_cell.Z_PDB                        9 
_cell.reciprocal_angle_alpha       ? 
_cell.reciprocal_angle_beta        ? 
_cell.reciprocal_angle_gamma       ? 
_cell.reciprocal_angle_alpha_esd   ? 
_cell.reciprocal_angle_beta_esd    ? 
_cell.reciprocal_angle_gamma_esd   ? 
_cell.reciprocal_length_a          ? 
_cell.reciprocal_length_b          ? 
_cell.reciprocal_length_c          ? 
_cell.reciprocal_length_a_esd      ? 
_cell.reciprocal_length_b_esd      ? 
_cell.reciprocal_length_c_esd      ? 
_cell.pdbx_unique_axis             ? 
# 
_symmetry.entry_id                         5VGW 
_symmetry.cell_setting                     ? 
_symmetry.Int_Tables_number                146 
_symmetry.space_group_name_Hall            ? 
_symmetry.space_group_name_H-M             'H 3' 
_symmetry.pdbx_full_space_group_name_H-M   ? 
# 
loop_
_entity.id 
_entity.type 
_entity.src_method 
_entity.pdbx_description 
_entity.formula_weight 
_entity.pdbx_number_of_molecules 
_entity.pdbx_ec 
_entity.pdbx_mutation 
_entity.pdbx_fragment 
_entity.details 
1 polymer syn 
;RNA (5'-R(*CP*UP*GP*CP*UP*GP*GP*CP*UP*AP*AP*GP*GP*CP*CP*CP*GP*AP*AP*AP*GP*G)-3')
;
7112.306 1 ? ? ? ? 
2 polymer syn 
;RNA (5'-R(P*GP*CP*UP*AP*UP*GP*CP*CP*UP*GP*CP*UP*G)-3')
;
4110.461 1 ? ? ? ? 
3 water   nat water                                                                              18.015   6 ? ? ? ? 
# 
loop_
_entity_poly.entity_id 
_entity_poly.type 
_entity_poly.nstd_linkage 
_entity_poly.nstd_monomer 
_entity_poly.pdbx_seq_one_letter_code 
_entity_poly.pdbx_seq_one_letter_code_can 
_entity_poly.pdbx_strand_id 
_entity_poly.pdbx_target_identifier 
1 polyribonucleotide no no CUGCUGGCUAAGGCCCGAAAGG CUGCUGGCUAAGGCCCGAAAGG A ? 
2 polyribonucleotide no no GCUAUGCCUGCUG          GCUAUGCCUGCUG          B ? 
# 
loop_
_entity_poly_seq.entity_id 
_entity_poly_seq.num 
_entity_poly_seq.mon_id 
_entity_poly_seq.hetero 
1 1  C n 
1 2  U n 
1 3  G n 
1 4  C n 
1 5  U n 
1 6  G n 
1 7  G n 
1 8  C n 
1 9  U n 
1 10 A n 
1 11 A n 
1 12 G n 
1 13 G n 
1 14 C n 
1 15 C n 
1 16 C n 
1 17 G n 
1 18 A n 
1 19 A n 
1 20 A n 
1 21 G n 
1 22 G n 
2 1  G n 
2 2  C n 
2 3  U n 
2 4  A n 
2 5  U n 
2 6  G n 
2 7  C n 
2 8  C n 
2 9  U n 
2 10 G n 
2 11 C n 
2 12 U n 
2 13 G n 
# 
loop_
_pdbx_entity_src_syn.entity_id 
_pdbx_entity_src_syn.pdbx_src_id 
_pdbx_entity_src_syn.pdbx_alt_source_flag 
_pdbx_entity_src_syn.pdbx_beg_seq_num 
_pdbx_entity_src_syn.pdbx_end_seq_num 
_pdbx_entity_src_syn.organism_scientific 
_pdbx_entity_src_syn.organism_common_name 
_pdbx_entity_src_syn.ncbi_taxonomy_id 
_pdbx_entity_src_syn.details 
1 1 sample ? ?  'synthetic construct' ? 32630 ? 
2 1 sample 1 13 'synthetic construct' ? 32630 ? 
# 
loop_
_struct_ref.id 
_struct_ref.db_name 
_struct_ref.db_code 
_struct_ref.pdbx_db_accession 
_struct_ref.pdbx_db_isoform 
_struct_ref.entity_id 
_struct_ref.pdbx_seq_one_letter_code 
_struct_ref.pdbx_align_begin 
1 PDB 5VGW 5VGW ? 1 ? 1 
2 PDB 5VGW 5VGW ? 2 ? 1 
# 
loop_
_struct_ref_seq.align_id 
_struct_ref_seq.ref_id 
_struct_ref_seq.pdbx_PDB_id_code 
_struct_ref_seq.pdbx_strand_id 
_struct_ref_seq.seq_align_beg 
_struct_ref_seq.pdbx_seq_align_beg_ins_code 
_struct_ref_seq.seq_align_end 
_struct_ref_seq.pdbx_seq_align_end_ins_code 
_struct_ref_seq.pdbx_db_accession 
_struct_ref_seq.db_align_beg 
_struct_ref_seq.pdbx_db_align_beg_ins_code 
_struct_ref_seq.db_align_end 
_struct_ref_seq.pdbx_db_align_end_ins_code 
_struct_ref_seq.pdbx_auth_seq_align_beg 
_struct_ref_seq.pdbx_auth_seq_align_end 
1 1 5VGW A 1 ? 22 ? 5VGW 1 ? 22 ? 1 22 
2 2 5VGW B 1 ? 13 ? 5VGW 1 ? 13 ? 1 13 
# 
loop_
_chem_comp.id 
_chem_comp.type 
_chem_comp.mon_nstd_flag 
_chem_comp.name 
_chem_comp.pdbx_synonyms 
_chem_comp.formula 
_chem_comp.formula_weight 
A   'RNA linking' y "ADENOSINE-5'-MONOPHOSPHATE" ? 'C10 H14 N5 O7 P' 347.221 
C   'RNA linking' y "CYTIDINE-5'-MONOPHOSPHATE"  ? 'C9 H14 N3 O8 P'  323.197 
G   'RNA linking' y "GUANOSINE-5'-MONOPHOSPHATE" ? 'C10 H14 N5 O8 P' 363.221 
HOH non-polymer   . WATER                        ? 'H2 O'            18.015  
U   'RNA linking' y "URIDINE-5'-MONOPHOSPHATE"   ? 'C9 H13 N2 O9 P'  324.181 
# 
_exptl.absorpt_coefficient_mu     ? 
_exptl.absorpt_correction_T_max   ? 
_exptl.absorpt_correction_T_min   ? 
_exptl.absorpt_correction_type    ? 
_exptl.absorpt_process_details    ? 
_exptl.entry_id                   5VGW 
_exptl.crystals_number            1 
_exptl.details                    ? 
_exptl.method                     'X-RAY DIFFRACTION' 
_exptl.method_details             ? 
# 
_exptl_crystal.colour                      ? 
_exptl_crystal.density_diffrn              ? 
_exptl_crystal.density_Matthews            3.0 
_exptl_crystal.density_method              ? 
_exptl_crystal.density_percent_sol         59 
_exptl_crystal.description                 ? 
_exptl_crystal.F_000                       ? 
_exptl_crystal.id                          1 
_exptl_crystal.preparation                 ? 
_exptl_crystal.size_max                    ? 
_exptl_crystal.size_mid                    ? 
_exptl_crystal.size_min                    ? 
_exptl_crystal.size_rad                    ? 
_exptl_crystal.colour_lustre               ? 
_exptl_crystal.colour_modifier             ? 
_exptl_crystal.colour_primary              ? 
_exptl_crystal.density_meas                ? 
_exptl_crystal.density_meas_esd            ? 
_exptl_crystal.density_meas_gt             ? 
_exptl_crystal.density_meas_lt             ? 
_exptl_crystal.density_meas_temp           ? 
_exptl_crystal.density_meas_temp_esd       ? 
_exptl_crystal.density_meas_temp_gt        ? 
_exptl_crystal.density_meas_temp_lt        ? 
_exptl_crystal.pdbx_crystal_image_url      ? 
_exptl_crystal.pdbx_crystal_image_format   ? 
_exptl_crystal.pdbx_mosaicity              ? 
_exptl_crystal.pdbx_mosaicity_esd          ? 
# 
_exptl_crystal_grow.apparatus       ? 
_exptl_crystal_grow.atmosphere      ? 
_exptl_crystal_grow.crystal_id      1 
_exptl_crystal_grow.details         ? 
_exptl_crystal_grow.method          'VAPOR DIFFUSION, HANGING DROP' 
_exptl_crystal_grow.method_ref      ? 
_exptl_crystal_grow.pH              7 
_exptl_crystal_grow.pressure        ? 
_exptl_crystal_grow.pressure_esd    ? 
_exptl_crystal_grow.seeding         ? 
_exptl_crystal_grow.seeding_ref     ? 
_exptl_crystal_grow.temp            291 
_exptl_crystal_grow.temp_details    ? 
_exptl_crystal_grow.temp_esd        ? 
_exptl_crystal_grow.time            ? 
_exptl_crystal_grow.pdbx_details    
'50 mM MgCl2, 0.2 M Lithium sulfate monohydrate, 0.1 M BIS-TRIS pH 7.0, 25% w/v Polyethylene glycol 3,350' 
_exptl_crystal_grow.pdbx_pH_range   ? 
# 
_diffrn.ambient_environment    ? 
_diffrn.ambient_temp           99 
_diffrn.ambient_temp_details   ? 
_diffrn.ambient_temp_esd       ? 
_diffrn.crystal_id             1 
_diffrn.crystal_support        ? 
_diffrn.crystal_treatment      ? 
_diffrn.details                ? 
_diffrn.id                     1 
_diffrn.ambient_pressure       ? 
_diffrn.ambient_pressure_esd   ? 
_diffrn.ambient_pressure_gt    ? 
_diffrn.ambient_pressure_lt    ? 
_diffrn.ambient_temp_gt        ? 
_diffrn.ambient_temp_lt        ? 
# 
_diffrn_detector.details                      ? 
_diffrn_detector.detector                     CCD 
_diffrn_detector.diffrn_id                    1 
_diffrn_detector.type                         'ADSC QUANTUM 315' 
_diffrn_detector.area_resol_mean              ? 
_diffrn_detector.dtime                        ? 
_diffrn_detector.pdbx_frames_total            ? 
_diffrn_detector.pdbx_collection_time_total   ? 
_diffrn_detector.pdbx_collection_date         2015-10-28 
# 
_diffrn_radiation.collimation                      ? 
_diffrn_radiation.diffrn_id                        1 
_diffrn_radiation.filter_edge                      ? 
_diffrn_radiation.inhomogeneity                    ? 
_diffrn_radiation.monochromator                    ? 
_diffrn_radiation.polarisn_norm                    ? 
_diffrn_radiation.polarisn_ratio                   ? 
_diffrn_radiation.probe                            ? 
_diffrn_radiation.type                             ? 
_diffrn_radiation.xray_symbol                      ? 
_diffrn_radiation.wavelength_id                    1 
_diffrn_radiation.pdbx_monochromatic_or_laue_m_l   M 
_diffrn_radiation.pdbx_wavelength_list             ? 
_diffrn_radiation.pdbx_wavelength                  ? 
_diffrn_radiation.pdbx_diffrn_protocol             'SINGLE WAVELENGTH' 
_diffrn_radiation.pdbx_analyzer                    ? 
_diffrn_radiation.pdbx_scattering_type             x-ray 
# 
_diffrn_radiation_wavelength.id           1 
_diffrn_radiation_wavelength.wavelength   1 
_diffrn_radiation_wavelength.wt           1.0 
# 
_diffrn_source.current                     ? 
_diffrn_source.details                     ? 
_diffrn_source.diffrn_id                   1 
_diffrn_source.power                       ? 
_diffrn_source.size                        ? 
_diffrn_source.source                      SYNCHROTRON 
_diffrn_source.target                      ? 
_diffrn_source.type                        'ALS BEAMLINE 8.2.2' 
_diffrn_source.voltage                     ? 
_diffrn_source.take-off_angle              ? 
_diffrn_source.pdbx_wavelength_list        1 
_diffrn_source.pdbx_wavelength             ? 
_diffrn_source.pdbx_synchrotron_beamline   8.2.2 
_diffrn_source.pdbx_synchrotron_site       ALS 
# 
_reflns.B_iso_Wilson_estimate            ? 
_reflns.entry_id                         5VGW 
_reflns.data_reduction_details           ? 
_reflns.data_reduction_method            ? 
_reflns.d_resolution_high                2.40 
_reflns.d_resolution_low                 50 
_reflns.details                          ? 
_reflns.limit_h_max                      ? 
_reflns.limit_h_min                      ? 
_reflns.limit_k_max                      ? 
_reflns.limit_k_min                      ? 
_reflns.limit_l_max                      ? 
_reflns.limit_l_min                      ? 
_reflns.number_all                       ? 
_reflns.number_obs                       4799 
_reflns.observed_criterion               ? 
_reflns.observed_criterion_F_max         ? 
_reflns.observed_criterion_F_min         ? 
_reflns.observed_criterion_I_max         ? 
_reflns.observed_criterion_I_min         ? 
_reflns.observed_criterion_sigma_F       ? 
_reflns.observed_criterion_sigma_I       ? 
_reflns.percent_possible_obs             96.1 
_reflns.R_free_details                   ? 
_reflns.Rmerge_F_all                     ? 
_reflns.Rmerge_F_obs                     ? 
_reflns.Friedel_coverage                 ? 
_reflns.number_gt                        ? 
_reflns.threshold_expression             ? 
_reflns.pdbx_redundancy                  3.7 
_reflns.pdbx_Rmerge_I_obs                0.073 
_reflns.pdbx_Rmerge_I_all                ? 
_reflns.pdbx_Rsym_value                  0.074 
_reflns.pdbx_netI_over_av_sigmaI         ? 
_reflns.pdbx_netI_over_sigmaI            15 
_reflns.pdbx_res_netI_over_av_sigmaI_2   ? 
_reflns.pdbx_res_netI_over_sigmaI_2      ? 
_reflns.pdbx_chi_squared                 1.15 
_reflns.pdbx_scaling_rejects             ? 
_reflns.pdbx_d_res_high_opt              ? 
_reflns.pdbx_d_res_low_opt               ? 
_reflns.pdbx_d_res_opt_method            ? 
_reflns.phase_calculation_details        ? 
_reflns.pdbx_Rrim_I_all                  ? 
_reflns.pdbx_Rpim_I_all                  ? 
_reflns.pdbx_d_opt                       ? 
_reflns.pdbx_number_measured_all         ? 
_reflns.pdbx_diffrn_id                   1 
_reflns.pdbx_ordinal                     1 
_reflns.pdbx_CC_half                     0.914 
_reflns.pdbx_R_split                     ? 
# 
_reflns_shell.d_res_high                  2.40 
_reflns_shell.d_res_low                   2.49 
_reflns_shell.meanI_over_sigI_all         ? 
_reflns_shell.meanI_over_sigI_obs         2.33 
_reflns_shell.number_measured_all         ? 
_reflns_shell.number_measured_obs         ? 
_reflns_shell.number_possible             ? 
_reflns_shell.number_unique_all           ? 
_reflns_shell.number_unique_obs           508 
_reflns_shell.percent_possible_all        98.8 
_reflns_shell.percent_possible_obs        ? 
_reflns_shell.Rmerge_F_all                ? 
_reflns_shell.Rmerge_F_obs                ? 
_reflns_shell.Rmerge_I_all                ? 
_reflns_shell.Rmerge_I_obs                0.639 
_reflns_shell.meanI_over_sigI_gt          ? 
_reflns_shell.meanI_over_uI_all           ? 
_reflns_shell.meanI_over_uI_gt            ? 
_reflns_shell.number_measured_gt          ? 
_reflns_shell.number_unique_gt            ? 
_reflns_shell.percent_possible_gt         ? 
_reflns_shell.Rmerge_F_gt                 ? 
_reflns_shell.Rmerge_I_gt                 ? 
_reflns_shell.pdbx_redundancy             3.1 
_reflns_shell.pdbx_Rsym_value             0.729 
_reflns_shell.pdbx_chi_squared            0.992 
_reflns_shell.pdbx_netI_over_sigmaI_all   ? 
_reflns_shell.pdbx_netI_over_sigmaI_obs   ? 
_reflns_shell.pdbx_Rrim_I_all             ? 
_reflns_shell.pdbx_Rpim_I_all             ? 
_reflns_shell.pdbx_rejects                ? 
_reflns_shell.pdbx_ordinal                1 
_reflns_shell.pdbx_diffrn_id              1 
_reflns_shell.pdbx_CC_half                0.379 
_reflns_shell.pdbx_R_split                ? 
# 
_refine.aniso_B[1][1]                            -0.01 
_refine.aniso_B[1][2]                            -0.00 
_refine.aniso_B[1][3]                            0.00 
_refine.aniso_B[2][2]                            -0.01 
_refine.aniso_B[2][3]                            0.00 
_refine.aniso_B[3][3]                            0.03 
_refine.B_iso_max                                ? 
_refine.B_iso_mean                               68.150 
_refine.B_iso_min                                ? 
_refine.correlation_coeff_Fo_to_Fc               0.962 
_refine.correlation_coeff_Fo_to_Fc_free          0.961 
_refine.details                                  'HYDROGENS HAVE BEEN ADDED IN THE RIDING POSITIONS' 
_refine.diff_density_max                         ? 
_refine.diff_density_max_esd                     ? 
_refine.diff_density_min                         ? 
_refine.diff_density_min_esd                     ? 
_refine.diff_density_rms                         ? 
_refine.diff_density_rms_esd                     ? 
_refine.entry_id                                 5VGW 
_refine.pdbx_refine_id                           'X-RAY DIFFRACTION' 
_refine.ls_abs_structure_details                 ? 
_refine.ls_abs_structure_Flack                   ? 
_refine.ls_abs_structure_Flack_esd               ? 
_refine.ls_abs_structure_Rogers                  ? 
_refine.ls_abs_structure_Rogers_esd              ? 
_refine.ls_d_res_high                            2.42 
_refine.ls_d_res_low                             46.15 
_refine.ls_extinction_coef                       ? 
_refine.ls_extinction_coef_esd                   ? 
_refine.ls_extinction_expression                 ? 
_refine.ls_extinction_method                     ? 
_refine.ls_goodness_of_fit_all                   ? 
_refine.ls_goodness_of_fit_all_esd               ? 
_refine.ls_goodness_of_fit_obs                   ? 
_refine.ls_goodness_of_fit_obs_esd               ? 
_refine.ls_hydrogen_treatment                    ? 
_refine.ls_matrix_type                           ? 
_refine.ls_number_constraints                    ? 
_refine.ls_number_parameters                     ? 
_refine.ls_number_reflns_all                     ? 
_refine.ls_number_reflns_obs                     4546 
_refine.ls_number_reflns_R_free                  250 
_refine.ls_number_reflns_R_work                  ? 
_refine.ls_number_restraints                     ? 
_refine.ls_percent_reflns_obs                    95.96 
_refine.ls_percent_reflns_R_free                 5.2 
_refine.ls_R_factor_all                          ? 
_refine.ls_R_factor_obs                          0.20764 
_refine.ls_R_factor_R_free                       0.21293 
_refine.ls_R_factor_R_free_error                 ? 
_refine.ls_R_factor_R_free_error_details         ? 
_refine.ls_R_factor_R_work                       0.20727 
_refine.ls_R_Fsqd_factor_obs                     ? 
_refine.ls_R_I_factor_obs                        ? 
_refine.ls_redundancy_reflns_all                 ? 
_refine.ls_redundancy_reflns_obs                 ? 
_refine.ls_restrained_S_all                      ? 
_refine.ls_restrained_S_obs                      ? 
_refine.ls_shift_over_esd_max                    ? 
_refine.ls_shift_over_esd_mean                   ? 
_refine.ls_structure_factor_coef                 ? 
_refine.ls_weighting_details                     ? 
_refine.ls_weighting_scheme                      ? 
_refine.ls_wR_factor_all                         ? 
_refine.ls_wR_factor_obs                         ? 
_refine.ls_wR_factor_R_free                      ? 
_refine.ls_wR_factor_R_work                      ? 
_refine.occupancy_max                            ? 
_refine.occupancy_min                            ? 
_refine.solvent_model_details                    ? 
_refine.solvent_model_param_bsol                 ? 
_refine.solvent_model_param_ksol                 ? 
_refine.ls_R_factor_gt                           ? 
_refine.ls_goodness_of_fit_gt                    ? 
_refine.ls_goodness_of_fit_ref                   ? 
_refine.ls_shift_over_su_max                     ? 
_refine.ls_shift_over_su_max_lt                  ? 
_refine.ls_shift_over_su_mean                    ? 
_refine.ls_shift_over_su_mean_lt                 ? 
_refine.pdbx_ls_sigma_I                          ? 
_refine.pdbx_ls_sigma_F                          ? 
_refine.pdbx_ls_sigma_Fsqd                       ? 
_refine.pdbx_data_cutoff_high_absF               ? 
_refine.pdbx_data_cutoff_high_rms_absF           ? 
_refine.pdbx_data_cutoff_low_absF                ? 
_refine.pdbx_isotropic_thermal_model             ? 
_refine.pdbx_ls_cross_valid_method               THROUGHOUT 
_refine.pdbx_method_to_determine_struct          'MOLECULAR REPLACEMENT' 
_refine.pdbx_starting_model                      4FNJ 
_refine.pdbx_stereochemistry_target_values       ? 
_refine.pdbx_R_Free_selection_details            RANDOM 
_refine.pdbx_stereochem_target_val_spec_case     ? 
_refine.pdbx_overall_ESU_R                       0.363 
_refine.pdbx_overall_ESU_R_Free                  0.217 
_refine.pdbx_solvent_vdw_probe_radii             1.20 
_refine.pdbx_solvent_ion_probe_radii             0.80 
_refine.pdbx_solvent_shrinkage_radii             0.80 
_refine.pdbx_real_space_R                        ? 
_refine.pdbx_density_correlation                 ? 
_refine.pdbx_pd_number_of_powder_patterns        ? 
_refine.pdbx_pd_number_of_points                 ? 
_refine.pdbx_pd_meas_number_of_points            ? 
_refine.pdbx_pd_proc_ls_prof_R_factor            ? 
_refine.pdbx_pd_proc_ls_prof_wR_factor           ? 
_refine.pdbx_pd_Marquardt_correlation_coeff      ? 
_refine.pdbx_pd_Fsqrd_R_factor                   ? 
_refine.pdbx_pd_ls_matrix_band_width             ? 
_refine.pdbx_overall_phase_error                 ? 
_refine.pdbx_overall_SU_R_free_Cruickshank_DPI   ? 
_refine.pdbx_overall_SU_R_free_Blow_DPI          ? 
_refine.pdbx_overall_SU_R_Blow_DPI               ? 
_refine.pdbx_TLS_residual_ADP_flag               ? 
_refine.pdbx_diffrn_id                           1 
_refine.overall_SU_B                             12.143 
_refine.overall_SU_ML                            0.253 
_refine.overall_SU_R_Cruickshank_DPI             ? 
_refine.overall_SU_R_free                        ? 
_refine.overall_FOM_free_R_set                   ? 
_refine.overall_FOM_work_R_set                   ? 
_refine.pdbx_average_fsc_overall                 ? 
_refine.pdbx_average_fsc_work                    ? 
_refine.pdbx_average_fsc_free                    ? 
# 
_refine_hist.pdbx_refine_id                   'X-RAY DIFFRACTION' 
_refine_hist.cycle_id                         1 
_refine_hist.pdbx_number_atoms_protein        0 
_refine_hist.pdbx_number_atoms_nucleic_acid   746 
_refine_hist.pdbx_number_atoms_ligand         0 
_refine_hist.number_atoms_solvent             6 
_refine_hist.number_atoms_total               752 
_refine_hist.d_res_high                       2.42 
_refine_hist.d_res_low                        46.15 
# 
loop_
_refine_ls_restr.pdbx_refine_id 
_refine_ls_restr.criterion 
_refine_ls_restr.dev_ideal 
_refine_ls_restr.dev_ideal_target 
_refine_ls_restr.number 
_refine_ls_restr.rejects 
_refine_ls_restr.type 
_refine_ls_restr.weight 
_refine_ls_restr.pdbx_restraint_function 
'X-RAY DIFFRACTION' ? 0.008 0.011  832  ? r_bond_refined_d             ? ? 
'X-RAY DIFFRACTION' ? 0.005 0.020  344  ? r_bond_other_d               ? ? 
'X-RAY DIFFRACTION' ? 1.755 1.278  1295 ? r_angle_refined_deg          ? ? 
'X-RAY DIFFRACTION' ? 1.754 3.000  834  ? r_angle_other_deg            ? ? 
'X-RAY DIFFRACTION' ? ?     ?      ?    ? r_dihedral_angle_1_deg       ? ? 
'X-RAY DIFFRACTION' ? ?     ?      ?    ? r_dihedral_angle_2_deg       ? ? 
'X-RAY DIFFRACTION' ? ?     ?      ?    ? r_dihedral_angle_3_deg       ? ? 
'X-RAY DIFFRACTION' ? ?     ?      ?    ? r_dihedral_angle_4_deg       ? ? 
'X-RAY DIFFRACTION' ? 0.101 0.200  140  ? r_chiral_restr               ? ? 
'X-RAY DIFFRACTION' ? 0.014 0.020  417  ? r_gen_planes_refined         ? ? 
'X-RAY DIFFRACTION' ? 0.002 0.020  187  ? r_gen_planes_other           ? ? 
'X-RAY DIFFRACTION' ? ?     ?      ?    ? r_nbd_refined                ? ? 
'X-RAY DIFFRACTION' ? ?     ?      ?    ? r_nbd_other                  ? ? 
'X-RAY DIFFRACTION' ? ?     ?      ?    ? r_nbtor_refined              ? ? 
'X-RAY DIFFRACTION' ? ?     ?      ?    ? r_nbtor_other                ? ? 
'X-RAY DIFFRACTION' ? ?     ?      ?    ? r_xyhbond_nbd_refined        ? ? 
'X-RAY DIFFRACTION' ? ?     ?      ?    ? r_xyhbond_nbd_other          ? ? 
'X-RAY DIFFRACTION' ? ?     ?      ?    ? r_metal_ion_refined          ? ? 
'X-RAY DIFFRACTION' ? ?     ?      ?    ? r_metal_ion_other            ? ? 
'X-RAY DIFFRACTION' ? ?     ?      ?    ? r_symmetry_vdw_refined       ? ? 
'X-RAY DIFFRACTION' ? ?     ?      ?    ? r_symmetry_vdw_other         ? ? 
'X-RAY DIFFRACTION' ? ?     ?      ?    ? r_symmetry_hbond_refined     ? ? 
'X-RAY DIFFRACTION' ? ?     ?      ?    ? r_symmetry_hbond_other       ? ? 
'X-RAY DIFFRACTION' ? ?     ?      ?    ? r_symmetry_metal_ion_refined ? ? 
'X-RAY DIFFRACTION' ? ?     ?      ?    ? r_symmetry_metal_ion_other   ? ? 
'X-RAY DIFFRACTION' ? ?     ?      ?    ? r_mcbond_it                  ? ? 
'X-RAY DIFFRACTION' ? ?     ?      ?    ? r_mcbond_other               ? ? 
'X-RAY DIFFRACTION' ? ?     ?      ?    ? r_mcangle_it                 ? ? 
'X-RAY DIFFRACTION' ? ?     ?      ?    ? r_mcangle_other              ? ? 
'X-RAY DIFFRACTION' ? 6.606 7.253  832  ? r_scbond_it                  ? ? 
'X-RAY DIFFRACTION' ? 6.573 7.254  831  ? r_scbond_other               ? ? 
'X-RAY DIFFRACTION' ? ?     ?      ?    ? r_scangle_it                 ? ? 
'X-RAY DIFFRACTION' ? 8.121 10.866 1296 ? r_scangle_other              ? ? 
'X-RAY DIFFRACTION' ? 9.990 72.666 1103 ? r_long_range_B_refined       ? ? 
'X-RAY DIFFRACTION' ? 9.988 72.655 1104 ? r_long_range_B_other         ? ? 
'X-RAY DIFFRACTION' ? ?     ?      ?    ? r_rigid_bond_restr           ? ? 
'X-RAY DIFFRACTION' ? ?     ?      ?    ? r_sphericity_free            ? ? 
'X-RAY DIFFRACTION' ? ?     ?      ?    ? r_sphericity_bonded          ? ? 
# 
_refine_ls_shell.pdbx_refine_id                   'X-RAY DIFFRACTION' 
_refine_ls_shell.d_res_high                       2.424 
_refine_ls_shell.d_res_low                        2.487 
_refine_ls_shell.number_reflns_all                ? 
_refine_ls_shell.number_reflns_obs                ? 
_refine_ls_shell.number_reflns_R_free             20 
_refine_ls_shell.number_reflns_R_work             355 
_refine_ls_shell.percent_reflns_obs               98.17 
_refine_ls_shell.percent_reflns_R_free            ? 
_refine_ls_shell.R_factor_all                     ? 
_refine_ls_shell.R_factor_obs                     ? 
_refine_ls_shell.R_factor_R_free                  0.489 
_refine_ls_shell.R_factor_R_free_error            ? 
_refine_ls_shell.R_factor_R_work                  0.366 
_refine_ls_shell.redundancy_reflns_all            ? 
_refine_ls_shell.redundancy_reflns_obs            ? 
_refine_ls_shell.wR_factor_all                    ? 
_refine_ls_shell.wR_factor_obs                    ? 
_refine_ls_shell.wR_factor_R_free                 ? 
_refine_ls_shell.wR_factor_R_work                 ? 
_refine_ls_shell.pdbx_total_number_of_bins_used   20 
_refine_ls_shell.pdbx_phase_error                 ? 
_refine_ls_shell.pdbx_fsc_work                    ? 
_refine_ls_shell.pdbx_fsc_free                    ? 
# 
_struct.entry_id                     5VGW 
_struct.title                        'RNA hairpin structure containing tetraloop/receptor motif' 
_struct.pdbx_model_details           ? 
_struct.pdbx_formula_weight          ? 
_struct.pdbx_formula_weight_method   ? 
_struct.pdbx_model_type_details      ? 
_struct.pdbx_CASP_flag               N 
# 
_struct_keywords.entry_id        5VGW 
_struct_keywords.text            'RNA, tetraloop/receptor, ligation' 
_struct_keywords.pdbx_keywords   RNA 
# 
loop_
_struct_asym.id 
_struct_asym.pdbx_blank_PDB_chainid_flag 
_struct_asym.pdbx_modified 
_struct_asym.entity_id 
_struct_asym.details 
A N N 1 ? 
B N N 2 ? 
C N N 3 ? 
D N N 3 ? 
# 
loop_
_struct_conn.id 
_struct_conn.conn_type_id 
_struct_conn.pdbx_leaving_atom_flag 
_struct_conn.pdbx_PDB_id 
_struct_conn.ptnr1_label_asym_id 
_struct_conn.ptnr1_label_comp_id 
_struct_conn.ptnr1_label_seq_id 
_struct_conn.ptnr1_label_atom_id 
_struct_conn.pdbx_ptnr1_label_alt_id 
_struct_conn.pdbx_ptnr1_PDB_ins_code 
_struct_conn.pdbx_ptnr1_standard_comp_id 
_struct_conn.ptnr1_symmetry 
_struct_conn.ptnr2_label_asym_id 
_struct_conn.ptnr2_label_comp_id 
_struct_conn.ptnr2_label_seq_id 
_struct_conn.ptnr2_label_atom_id 
_struct_conn.pdbx_ptnr2_label_alt_id 
_struct_conn.pdbx_ptnr2_PDB_ins_code 
_struct_conn.ptnr1_auth_asym_id 
_struct_conn.ptnr1_auth_comp_id 
_struct_conn.ptnr1_auth_seq_id 
_struct_conn.ptnr2_auth_asym_id 
_struct_conn.ptnr2_auth_comp_id 
_struct_conn.ptnr2_auth_seq_id 
_struct_conn.ptnr2_symmetry 
_struct_conn.pdbx_ptnr3_label_atom_id 
_struct_conn.pdbx_ptnr3_label_seq_id 
_struct_conn.pdbx_ptnr3_label_comp_id 
_struct_conn.pdbx_ptnr3_label_asym_id 
_struct_conn.pdbx_ptnr3_label_alt_id 
_struct_conn.pdbx_ptnr3_PDB_ins_code 
_struct_conn.details 
_struct_conn.pdbx_dist_value 
_struct_conn.pdbx_value_order 
_struct_conn.pdbx_role 
hydrog1  hydrog ? ? A C 1  N3 ? ? ? 1_555 B G 13 N1 ? ? A C 1  B G 13 1_555 ? ? ? ? ? ? WATSON-CRICK         ? ? ? 
hydrog2  hydrog ? ? A C 1  N4 ? ? ? 1_555 B G 13 O6 ? ? A C 1  B G 13 1_555 ? ? ? ? ? ? WATSON-CRICK         ? ? ? 
hydrog3  hydrog ? ? A C 1  O2 ? ? ? 1_555 B G 13 N2 ? ? A C 1  B G 13 1_555 ? ? ? ? ? ? WATSON-CRICK         ? ? ? 
hydrog4  hydrog ? ? A U 2  N3 ? ? ? 1_555 B U 12 O2 ? ? A U 2  B U 12 1_555 ? ? ? ? ? ? TYPE_16_PAIR         ? ? ? 
hydrog5  hydrog ? ? A U 2  O4 ? ? ? 1_555 B U 12 N3 ? ? A U 2  B U 12 1_555 ? ? ? ? ? ? TYPE_16_PAIR         ? ? ? 
hydrog6  hydrog ? ? A G 3  N1 ? ? ? 1_555 B C 11 N3 ? ? A G 3  B C 11 1_555 ? ? ? ? ? ? WATSON-CRICK         ? ? ? 
hydrog7  hydrog ? ? A G 3  N2 ? ? ? 1_555 B C 11 O2 ? ? A G 3  B C 11 1_555 ? ? ? ? ? ? WATSON-CRICK         ? ? ? 
hydrog8  hydrog ? ? A G 3  O6 ? ? ? 1_555 B C 11 N4 ? ? A G 3  B C 11 1_555 ? ? ? ? ? ? WATSON-CRICK         ? ? ? 
hydrog9  hydrog ? ? A C 4  N3 ? ? ? 1_555 B G 10 N1 ? ? A C 4  B G 10 1_555 ? ? ? ? ? ? WATSON-CRICK         ? ? ? 
hydrog10 hydrog ? ? A C 4  N4 ? ? ? 1_555 B G 10 O6 ? ? A C 4  B G 10 1_555 ? ? ? ? ? ? WATSON-CRICK         ? ? ? 
hydrog11 hydrog ? ? A C 4  O2 ? ? ? 1_555 B G 10 N2 ? ? A C 4  B G 10 1_555 ? ? ? ? ? ? WATSON-CRICK         ? ? ? 
hydrog12 hydrog ? ? A U 5  O4 ? ? ? 1_555 B U 9  N3 ? ? A U 5  B U 9  1_555 ? ? ? ? ? ? 'U-U MISPAIR'        ? ? ? 
hydrog13 hydrog ? ? A G 6  N1 ? ? ? 1_555 B C 8  N3 ? ? A G 6  B C 8  1_555 ? ? ? ? ? ? WATSON-CRICK         ? ? ? 
hydrog14 hydrog ? ? A G 6  N2 ? ? ? 1_555 B C 8  O2 ? ? A G 6  B C 8  1_555 ? ? ? ? ? ? WATSON-CRICK         ? ? ? 
hydrog15 hydrog ? ? A G 6  O6 ? ? ? 1_555 B C 8  N4 ? ? A G 6  B C 8  1_555 ? ? ? ? ? ? WATSON-CRICK         ? ? ? 
hydrog16 hydrog ? ? A G 7  N1 ? ? ? 1_555 B C 7  N3 ? ? A G 7  B C 7  1_555 ? ? ? ? ? ? WATSON-CRICK         ? ? ? 
hydrog17 hydrog ? ? A G 7  N2 ? ? ? 1_555 B C 7  O2 ? ? A G 7  B C 7  1_555 ? ? ? ? ? ? WATSON-CRICK         ? ? ? 
hydrog18 hydrog ? ? A G 7  O6 ? ? ? 1_555 B C 7  N4 ? ? A G 7  B C 7  1_555 ? ? ? ? ? ? WATSON-CRICK         ? ? ? 
hydrog19 hydrog ? ? A C 8  N3 ? ? ? 1_555 B G 6  N1 ? ? A C 8  B G 6  1_555 ? ? ? ? ? ? WATSON-CRICK         ? ? ? 
hydrog20 hydrog ? ? A C 8  N4 ? ? ? 1_555 B G 6  O6 ? ? A C 8  B G 6  1_555 ? ? ? ? ? ? WATSON-CRICK         ? ? ? 
hydrog21 hydrog ? ? A C 8  O2 ? ? ? 1_555 B G 6  N2 ? ? A C 8  B G 6  1_555 ? ? ? ? ? ? WATSON-CRICK         ? ? ? 
hydrog22 hydrog ? ? A U 9  N3 ? ? ? 1_555 B A 4  N7 ? ? A U 9  B A 4  1_555 ? ? ? ? ? ? 'REVERSED HOOGSTEEN' ? ? ? 
hydrog23 hydrog ? ? A U 9  O2 ? ? ? 1_555 B A 4  N6 ? ? A U 9  B A 4  1_555 ? ? ? ? ? ? 'REVERSED HOOGSTEEN' ? ? ? 
hydrog24 hydrog ? ? A A 11 N1 ? ? ? 1_555 B U 5  N3 ? ? A A 11 B U 5  1_555 ? ? ? ? ? ? WATSON-CRICK         ? ? ? 
hydrog25 hydrog ? ? A A 11 N6 ? ? ? 1_555 B U 5  O4 ? ? A A 11 B U 5  1_555 ? ? ? ? ? ? WATSON-CRICK         ? ? ? 
hydrog26 hydrog ? ? A G 12 N1 ? ? ? 1_555 B U 3  O2 ? ? A G 12 B U 3  1_555 ? ? ? ? ? ? TYPE_28_PAIR         ? ? ? 
hydrog27 hydrog ? ? A G 12 O6 ? ? ? 1_555 B U 3  N3 ? ? A G 12 B U 3  1_555 ? ? ? ? ? ? TYPE_28_PAIR         ? ? ? 
hydrog28 hydrog ? ? A G 12 N2 ? ? ? 1_555 B U 5  O4 ? ? A G 12 B U 5  1_555 ? ? ? ? ? ? 'G-U MISPAIR'        ? ? ? 
hydrog29 hydrog ? ? A G 13 N1 ? ? ? 1_555 B C 2  N3 ? ? A G 13 B C 2  1_555 ? ? ? ? ? ? WATSON-CRICK         ? ? ? 
hydrog30 hydrog ? ? A G 13 N2 ? ? ? 1_555 B C 2  O2 ? ? A G 13 B C 2  1_555 ? ? ? ? ? ? WATSON-CRICK         ? ? ? 
hydrog31 hydrog ? ? A G 13 O6 ? ? ? 1_555 B C 2  N4 ? ? A G 13 B C 2  1_555 ? ? ? ? ? ? WATSON-CRICK         ? ? ? 
hydrog32 hydrog ? ? A C 14 N3 ? ? ? 1_555 B G 1  N1 ? ? A C 14 B G 1  1_555 ? ? ? ? ? ? WATSON-CRICK         ? ? ? 
hydrog33 hydrog ? ? A C 14 N4 ? ? ? 1_555 B G 1  O6 ? ? A C 14 B G 1  1_555 ? ? ? ? ? ? WATSON-CRICK         ? ? ? 
hydrog34 hydrog ? ? A C 14 O2 ? ? ? 1_555 B G 1  N2 ? ? A C 14 B G 1  1_555 ? ? ? ? ? ? WATSON-CRICK         ? ? ? 
hydrog35 hydrog ? ? A C 15 N3 ? ? ? 1_555 A G 22 N1 ? ? A C 15 A G 22 1_555 ? ? ? ? ? ? WATSON-CRICK         ? ? ? 
hydrog36 hydrog ? ? A C 15 N4 ? ? ? 1_555 A G 22 O6 ? ? A C 15 A G 22 1_555 ? ? ? ? ? ? WATSON-CRICK         ? ? ? 
hydrog37 hydrog ? ? A C 15 O2 ? ? ? 1_555 A G 22 N2 ? ? A C 15 A G 22 1_555 ? ? ? ? ? ? WATSON-CRICK         ? ? ? 
hydrog38 hydrog ? ? A C 16 N3 ? ? ? 1_555 A G 21 N1 ? ? A C 16 A G 21 1_555 ? ? ? ? ? ? WATSON-CRICK         ? ? ? 
hydrog39 hydrog ? ? A C 16 N4 ? ? ? 1_555 A G 21 O6 ? ? A C 16 A G 21 1_555 ? ? ? ? ? ? WATSON-CRICK         ? ? ? 
hydrog40 hydrog ? ? A C 16 O2 ? ? ? 1_555 A G 21 N2 ? ? A C 16 A G 21 1_555 ? ? ? ? ? ? WATSON-CRICK         ? ? ? 
hydrog41 hydrog ? ? A G 17 N2 ? ? ? 1_555 A A 20 N7 ? ? A G 17 A A 20 1_555 ? ? ? ? ? ? 'G-A MISPAIR'        ? ? ? 
# 
_struct_conn_type.id          hydrog 
_struct_conn_type.criteria    ? 
_struct_conn_type.reference   ? 
# 
_atom_sites.entry_id                    5VGW 
_atom_sites.fract_transf_matrix[1][1]   -0.01069217 
_atom_sites.fract_transf_matrix[1][2]   -0.00217530 
_atom_sites.fract_transf_matrix[1][3]   -0.01204320 
_atom_sites.fract_transf_matrix[2][1]   -0.00683596 
_atom_sites.fract_transf_matrix[2][2]   0.01285619 
_atom_sites.fract_transf_matrix[2][3]   -0.00721687 
_atom_sites.fract_transf_matrix[3][1]   0.01068503 
_atom_sites.fract_transf_matrix[3][2]   0.00032349 
_atom_sites.fract_transf_matrix[3][3]   -0.00954480 
_atom_sites.fract_transf_vector[1]      0.095854 
_atom_sites.fract_transf_vector[2]      0.233279 
_atom_sites.fract_transf_vector[3]      0.339993 
# 
loop_
_atom_type.symbol 
C 
N 
O 
P 
# 
loop_
_atom_site.group_PDB 
_atom_site.id 
_atom_site.type_symbol 
_atom_site.label_atom_id 
_atom_site.label_alt_id 
_atom_site.label_comp_id 
_atom_site.label_asym_id 
_atom_site.label_entity_id 
_atom_site.label_seq_id 
_atom_site.pdbx_PDB_ins_code 
_atom_site.Cartn_x 
_atom_site.Cartn_y 
_atom_site.Cartn_z 
_atom_site.occupancy 
_atom_site.B_iso_or_equiv 
_atom_site.pdbx_formal_charge 
_atom_site.auth_seq_id 
_atom_site.auth_comp_id 
_atom_site.auth_asym_id 
_atom_site.auth_atom_id 
_atom_site.pdbx_PDB_model_num 
ATOM   1   O "O5'" . C   A 1 1  ? -10.321 13.038  10.741  1.00 75.03  ? 1   C   A "O5'" 1 
ATOM   2   C "C5'" . C   A 1 1  ? -9.306  14.052  10.613  1.00 73.39  ? 1   C   A "C5'" 1 
ATOM   3   C "C4'" . C   A 1 1  ? -9.062  14.710  11.957  1.00 82.15  ? 1   C   A "C4'" 1 
ATOM   4   O "O4'" . C   A 1 1  ? -10.257 14.670  12.792  1.00 76.37  ? 1   C   A "O4'" 1 
ATOM   5   C "C3'" . C   A 1 1  ? -7.986  14.072  12.825  1.00 80.72  ? 1   C   A "C3'" 1 
ATOM   6   O "O3'" . C   A 1 1  ? -6.718  14.489  12.335  1.00 81.58  ? 1   C   A "O3'" 1 
ATOM   7   C "C2'" . C   A 1 1  ? -8.356  14.604  14.205  1.00 71.85  ? 1   C   A "C2'" 1 
ATOM   8   O "O2'" . C   A 1 1  ? -8.051  15.960  14.476  1.00 71.84  ? 1   C   A "O2'" 1 
ATOM   9   C "C1'" . C   A 1 1  ? -9.872  14.514  14.146  1.00 66.27  ? 1   C   A "C1'" 1 
ATOM   10  N N1    . C   A 1 1  ? -10.430 13.263  14.667  1.00 67.87  ? 1   C   A N1    1 
ATOM   11  C C2    . C   A 1 1  ? -10.390 13.085  16.044  1.00 62.52  ? 1   C   A C2    1 
ATOM   12  O O2    . C   A 1 1  ? -9.861  13.960  16.736  1.00 66.16  ? 1   C   A O2    1 
ATOM   13  N N3    . C   A 1 1  ? -10.975 11.994  16.593  1.00 63.92  ? 1   C   A N3    1 
ATOM   14  C C4    . C   A 1 1  ? -11.581 11.100  15.810  1.00 69.61  ? 1   C   A C4    1 
ATOM   15  N N4    . C   A 1 1  ? -12.140 10.041  16.392  1.00 63.72  ? 1   C   A N4    1 
ATOM   16  C C5    . C   A 1 1  ? -11.634 11.252  14.393  1.00 68.84  ? 1   C   A C5    1 
ATOM   17  C C6    . C   A 1 1  ? -11.068 12.351  13.869  1.00 70.45  ? 1   C   A C6    1 
ATOM   18  P P     . U   A 1 2  ? -5.430  13.562  12.503  1.00 78.13  ? 2   U   A P     1 
ATOM   19  O OP1   . U   A 1 2  ? -4.305  14.297  11.898  1.00 81.43  ? 2   U   A OP1   1 
ATOM   20  O OP2   . U   A 1 2  ? -5.770  12.188  12.092  1.00 72.54  ? 2   U   A OP2   1 
ATOM   21  O "O5'" . U   A 1 2  ? -5.241  13.478  14.079  1.00 75.82  ? 2   U   A "O5'" 1 
ATOM   22  C "C5'" . U   A 1 2  ? -4.517  14.504  14.776  1.00 82.93  ? 2   U   A "C5'" 1 
ATOM   23  C "C4'" . U   A 1 2  ? -4.233  14.038  16.174  1.00 79.93  ? 2   U   A "C4'" 1 
ATOM   24  O "O4'" . U   A 1 2  ? -5.493  13.820  16.858  1.00 71.93  ? 2   U   A "O4'" 1 
ATOM   25  C "C3'" . U   A 1 2  ? -3.525  12.696  16.263  1.00 85.83  ? 2   U   A "C3'" 1 
ATOM   26  O "O3'" . U   A 1 2  ? -2.115  12.835  16.096  1.00 87.89  ? 2   U   A "O3'" 1 
ATOM   27  C "C2'" . U   A 1 2  ? -3.917  12.238  17.656  1.00 78.40  ? 2   U   A "C2'" 1 
ATOM   28  O "O2'" . U   A 1 2  ? -3.168  12.901  18.639  1.00 81.36  ? 2   U   A "O2'" 1 
ATOM   29  C "C1'" . U   A 1 2  ? -5.364  12.714  17.731  1.00 77.96  ? 2   U   A "C1'" 1 
ATOM   30  N N1    . U   A 1 2  ? -6.354  11.695  17.356  1.00 71.73  ? 2   U   A N1    1 
ATOM   31  C C2    . U   A 1 2  ? -6.706  10.767  18.319  1.00 79.44  ? 2   U   A C2    1 
ATOM   32  O O2    . U   A 1 2  ? -6.218  10.752  19.436  1.00 95.80  ? 2   U   A O2    1 
ATOM   33  N N3    . U   A 1 2  ? -7.661  9.864   17.928  1.00 75.25  ? 2   U   A N3    1 
ATOM   34  C C4    . U   A 1 2  ? -8.281  9.784   16.698  1.00 72.41  ? 2   U   A C4    1 
ATOM   35  O O4    . U   A 1 2  ? -9.136  8.920   16.505  1.00 71.84  ? 2   U   A O4    1 
ATOM   36  C C5    . U   A 1 2  ? -7.860  10.775  15.756  1.00 71.58  ? 2   U   A C5    1 
ATOM   37  C C6    . U   A 1 2  ? -6.929  11.671  16.107  1.00 75.23  ? 2   U   A C6    1 
ATOM   38  P P     . G   A 1 3  ? -1.278  11.766  15.217  1.00 91.45  ? 3   G   A P     1 
ATOM   39  O OP1   . G   A 1 3  ? -0.203  12.489  14.485  1.00 82.12  ? 3   G   A OP1   1 
ATOM   40  O OP2   . G   A 1 3  ? -2.220  10.913  14.431  1.00 91.35  ? 3   G   A OP2   1 
ATOM   41  O "O5'" . G   A 1 3  ? -0.640  10.800  16.310  1.00 96.34  ? 3   G   A "O5'" 1 
ATOM   42  C "C5'" . G   A 1 3  ? -0.395  11.132  17.693  1.00 99.36  ? 3   G   A "C5'" 1 
ATOM   43  C "C4'" . G   A 1 3  ? -0.617  9.901   18.551  1.00 99.35  ? 3   G   A "C4'" 1 
ATOM   44  O "O4'" . G   A 1 3  ? -2.029  9.791   18.881  1.00 88.97  ? 3   G   A "O4'" 1 
ATOM   45  C "C3'" . G   A 1 3  ? -0.344  8.565   17.881  1.00 98.49  ? 3   G   A "C3'" 1 
ATOM   46  O "O3'" . G   A 1 3  ? 1.006   8.219   17.607  1.00 105.02 ? 3   G   A "O3'" 1 
ATOM   47  C "C2'" . G   A 1 3  ? -1.116  7.612   18.777  1.00 94.97  ? 3   G   A "C2'" 1 
ATOM   48  O "O2'" . G   A 1 3  ? -0.552  7.324   20.038  1.00 87.05  ? 3   G   A "O2'" 1 
ATOM   49  C "C1'" . G   A 1 3  ? -2.390  8.420   18.986  1.00 89.75  ? 3   G   A "C1'" 1 
ATOM   50  N N9    . G   A 1 3  ? -3.436  8.133   18.010  1.00 84.74  ? 3   G   A N9    1 
ATOM   51  C C8    . G   A 1 3  ? -3.649  8.713   16.779  1.00 81.72  ? 3   G   A C8    1 
ATOM   52  N N7    . G   A 1 3  ? -4.695  8.234   16.162  1.00 74.80  ? 3   G   A N7    1 
ATOM   53  C C5    . G   A 1 3  ? -5.204  7.282   17.039  1.00 75.56  ? 3   G   A C5    1 
ATOM   54  C C6    . G   A 1 3  ? -6.351  6.442   16.931  1.00 86.13  ? 3   G   A C6    1 
ATOM   55  O O6    . G   A 1 3  ? -7.168  6.368   16.006  1.00 89.50  ? 3   G   A O6    1 
ATOM   56  N N1    . G   A 1 3  ? -6.502  5.635   18.054  1.00 86.11  ? 3   G   A N1    1 
ATOM   57  C C2    . G   A 1 3  ? -5.665  5.637   19.146  1.00 93.92  ? 3   G   A C2    1 
ATOM   58  N N2    . G   A 1 3  ? -5.965  4.775   20.129  1.00 102.07 ? 3   G   A N2    1 
ATOM   59  N N3    . G   A 1 3  ? -4.611  6.427   19.269  1.00 83.58  ? 3   G   A N3    1 
ATOM   60  C C4    . G   A 1 3  ? -4.437  7.210   18.183  1.00 79.78  ? 3   G   A C4    1 
ATOM   61  P P     . C   A 1 4  ? 1.286   7.044   16.549  1.00 100.76 ? 4   C   A P     1 
ATOM   62  O OP1   . C   A 1 4  ? 2.659   7.199   16.012  1.00 94.32  ? 4   C   A OP1   1 
ATOM   63  O OP2   . C   A 1 4  ? 0.139   6.962   15.606  1.00 102.97 ? 4   C   A OP2   1 
ATOM   64  O "O5'" . C   A 1 4  ? 1.165   5.758   17.463  1.00 99.94  ? 4   C   A "O5'" 1 
ATOM   65  C "C5'" . C   A 1 4  ? 0.909   4.521   16.838  1.00 103.71 ? 4   C   A "C5'" 1 
ATOM   66  C "C4'" . C   A 1 4  ? 0.202   3.618   17.790  1.00 101.17 ? 4   C   A "C4'" 1 
ATOM   67  O "O4'" . C   A 1 4  ? -1.028  4.219   18.282  1.00 98.45  ? 4   C   A "O4'" 1 
ATOM   68  C "C3'" . C   A 1 4  ? -0.213  2.323   17.132  1.00 104.49 ? 4   C   A "C3'" 1 
ATOM   69  O "O3'" . C   A 1 4  ? 0.990   1.562   17.068  1.00 107.13 ? 4   C   A "O3'" 1 
ATOM   70  C "C2'" . C   A 1 4  ? -1.411  1.924   17.985  1.00 109.26 ? 4   C   A "C2'" 1 
ATOM   71  O "O2'" . C   A 1 4  ? -1.155  1.389   19.271  1.00 114.90 ? 4   C   A "O2'" 1 
ATOM   72  C "C1'" . C   A 1 4  ? -2.088  3.285   18.160  1.00 94.78  ? 4   C   A "C1'" 1 
ATOM   73  N N1    . C   A 1 4  ? -2.917  3.681   17.009  1.00 88.79  ? 4   C   A N1    1 
ATOM   74  C C2    . C   A 1 4  ? -4.056  2.923   16.692  1.00 89.66  ? 4   C   A C2    1 
ATOM   75  O O2    . C   A 1 4  ? -4.345  1.946   17.397  1.00 102.09 ? 4   C   A O2    1 
ATOM   76  N N3    . C   A 1 4  ? -4.827  3.294   15.646  1.00 90.47  ? 4   C   A N3    1 
ATOM   77  C C4    . C   A 1 4  ? -4.490  4.359   14.914  1.00 91.61  ? 4   C   A C4    1 
ATOM   78  N N4    . C   A 1 4  ? -5.276  4.683   13.887  1.00 82.89  ? 4   C   A N4    1 
ATOM   79  C C5    . C   A 1 4  ? -3.322  5.131   15.192  1.00 88.54  ? 4   C   A C5    1 
ATOM   80  C C6    . C   A 1 4  ? -2.576  4.765   16.245  1.00 89.70  ? 4   C   A C6    1 
ATOM   81  P P     . U   A 1 5  ? 1.184   0.498   15.902  1.00 107.95 ? 5   U   A P     1 
ATOM   82  O OP1   . U   A 1 5  ? 2.321   -0.385  16.269  1.00 101.10 ? 5   U   A OP1   1 
ATOM   83  O OP2   . U   A 1 5  ? 1.277   1.254   14.620  1.00 83.36  ? 5   U   A OP2   1 
ATOM   84  O "O5'" . U   A 1 5  ? -0.145  -0.357  16.108  1.00 80.63  ? 5   U   A "O5'" 1 
ATOM   85  C "C5'" . U   A 1 5  ? -0.685  -1.209  15.105  1.00 81.44  ? 5   U   A "C5'" 1 
ATOM   86  C "C4'" . U   A 1 5  ? -1.634  -2.153  15.787  1.00 86.39  ? 5   U   A "C4'" 1 
ATOM   87  O "O4'" . U   A 1 5  ? -2.749  -1.389  16.318  1.00 86.63  ? 5   U   A "O4'" 1 
ATOM   88  C "C3'" . U   A 1 5  ? -2.269  -3.198  14.889  1.00 88.33  ? 5   U   A "C3'" 1 
ATOM   89  O "O3'" . U   A 1 5  ? -1.429  -4.327  14.683  1.00 99.60  ? 5   U   A "O3'" 1 
ATOM   90  C "C2'" . U   A 1 5  ? -3.573  -3.481  15.613  1.00 87.50  ? 5   U   A "C2'" 1 
ATOM   91  O "O2'" . U   A 1 5  ? -3.528  -4.253  16.788  1.00 95.87  ? 5   U   A "O2'" 1 
ATOM   92  C "C1'" . U   A 1 5  ? -3.966  -2.070  16.040  1.00 88.69  ? 5   U   A "C1'" 1 
ATOM   93  N N1    . U   A 1 5  ? -4.728  -1.325  15.019  1.00 90.67  ? 5   U   A N1    1 
ATOM   94  C C2    . U   A 1 5  ? -5.959  -1.851  14.658  1.00 92.01  ? 5   U   A C2    1 
ATOM   95  O O2    . U   A 1 5  ? -6.405  -2.881  15.131  1.00 96.99  ? 5   U   A O2    1 
ATOM   96  N N3    . U   A 1 5  ? -6.644  -1.126  13.715  1.00 90.10  ? 5   U   A N3    1 
ATOM   97  C C4    . U   A 1 5  ? -6.254  0.054   13.125  1.00 72.21  ? 5   U   A C4    1 
ATOM   98  O O4    . U   A 1 5  ? -6.998  0.590   12.305  1.00 78.47  ? 5   U   A O4    1 
ATOM   99  C C5    . U   A 1 5  ? -4.973  0.541   13.549  1.00 71.59  ? 5   U   A C5    1 
ATOM   100 C C6    . U   A 1 5  ? -4.273  -0.145  14.461  1.00 74.41  ? 5   U   A C6    1 
ATOM   101 P P     . G   A 1 6  ? -0.789  -4.630  13.221  1.00 107.87 ? 6   G   A P     1 
ATOM   102 O OP1   . G   A 1 6  ? 0.328   -5.582  13.418  1.00 97.35  ? 6   G   A OP1   1 
ATOM   103 O OP2   . G   A 1 6  ? -0.524  -3.333  12.532  1.00 77.21  ? 6   G   A OP2   1 
ATOM   104 O "O5'" . G   A 1 6  ? -1.969  -5.366  12.432  1.00 93.66  ? 6   G   A "O5'" 1 
ATOM   105 C "C5'" . G   A 1 6  ? -2.758  -6.384  13.059  1.00 85.48  ? 6   G   A "C5'" 1 
ATOM   106 C "C4'" . G   A 1 6  ? -4.128  -6.427  12.442  1.00 88.01  ? 6   G   A "C4'" 1 
ATOM   107 O "O4'" . G   A 1 6  ? -4.905  -5.288  12.888  1.00 92.56  ? 6   G   A "O4'" 1 
ATOM   108 C "C3'" . G   A 1 6  ? -4.190  -6.341  10.928  1.00 82.05  ? 6   G   A "C3'" 1 
ATOM   109 O "O3'" . G   A 1 6  ? -3.923  -7.595  10.326  1.00 84.49  ? 6   G   A "O3'" 1 
ATOM   110 C "C2'" . G   A 1 6  ? -5.627  -5.889  10.711  1.00 83.48  ? 6   G   A "C2'" 1 
ATOM   111 O "O2'" . G   A 1 6  ? -6.616  -6.897  10.727  1.00 84.80  ? 6   G   A "O2'" 1 
ATOM   112 C "C1'" . G   A 1 6  ? -5.790  -4.882  11.851  1.00 86.31  ? 6   G   A "C1'" 1 
ATOM   113 N N9    . G   A 1 6  ? -5.421  -3.539  11.402  1.00 92.05  ? 6   G   A N9    1 
ATOM   114 C C8    . G   A 1 6  ? -4.236  -2.878  11.620  1.00 89.06  ? 6   G   A C8    1 
ATOM   115 N N7    . G   A 1 6  ? -4.189  -1.707  11.043  1.00 78.31  ? 6   G   A N7    1 
ATOM   116 C C5    . G   A 1 6  ? -5.409  -1.597  10.392  1.00 67.38  ? 6   G   A C5    1 
ATOM   117 C C6    . G   A 1 6  ? -5.931  -0.547  9.598   1.00 68.15  ? 6   G   A C6    1 
ATOM   118 O O6    . G   A 1 6  ? -5.390  0.521   9.277   1.00 64.23  ? 6   G   A O6    1 
ATOM   119 N N1    . G   A 1 6  ? -7.199  -0.854  9.114   1.00 59.44  ? 6   G   A N1    1 
ATOM   120 C C2    . G   A 1 6  ? -7.879  -2.024  9.365   1.00 75.28  ? 6   G   A C2    1 
ATOM   121 N N2    . G   A 1 6  ? -9.102  -2.131  8.824   1.00 69.88  ? 6   G   A N2    1 
ATOM   122 N N3    . G   A 1 6  ? -7.407  -3.003  10.119  1.00 72.95  ? 6   G   A N3    1 
ATOM   123 C C4    . G   A 1 6  ? -6.180  -2.721  10.600  1.00 78.64  ? 6   G   A C4    1 
ATOM   124 P P     . G   A 1 7  ? -3.212  -7.692  8.881   1.00 97.89  ? 7   G   A P     1 
ATOM   125 O OP1   . G   A 1 7  ? -3.067  -9.129  8.558   1.00 92.86  ? 7   G   A OP1   1 
ATOM   126 O OP2   . G   A 1 7  ? -2.022  -6.804  8.866   1.00 96.14  ? 7   G   A OP2   1 
ATOM   127 O "O5'" . G   A 1 7  ? -4.307  -7.121  7.872   1.00 82.77  ? 7   G   A "O5'" 1 
ATOM   128 C "C5'" . G   A 1 7  ? -5.498  -7.889  7.590   1.00 92.78  ? 7   G   A "C5'" 1 
ATOM   129 C "C4'" . G   A 1 7  ? -6.536  -7.038  6.896   1.00 87.02  ? 7   G   A "C4'" 1 
ATOM   130 O "O4'" . G   A 1 7  ? -6.752  -5.820  7.655   1.00 83.93  ? 7   G   A "O4'" 1 
ATOM   131 C "C3'" . G   A 1 7  ? -6.162  -6.512  5.524   1.00 88.39  ? 7   G   A "C3'" 1 
ATOM   132 O "O3'" . G   A 1 7  ? -6.300  -7.446  4.463   1.00 83.21  ? 7   G   A "O3'" 1 
ATOM   133 C "C2'" . G   A 1 7  ? -7.156  -5.374  5.375   1.00 82.07  ? 7   G   A "C2'" 1 
ATOM   134 O "O2'" . G   A 1 7  ? -8.454  -5.802  5.012   1.00 74.49  ? 7   G   A "O2'" 1 
ATOM   135 C "C1'" . G   A 1 7  ? -7.120  -4.780  6.782   1.00 75.74  ? 7   G   A "C1'" 1 
ATOM   136 N N9    . G   A 1 7  ? -6.160  -3.690  6.911   1.00 69.96  ? 7   G   A N9    1 
ATOM   137 C C8    . G   A 1 7  ? -4.988  -3.643  7.628   1.00 71.03  ? 7   G   A C8    1 
ATOM   138 N N7    . G   A 1 7  ? -4.369  -2.496  7.525   1.00 65.20  ? 7   G   A N7    1 
ATOM   139 C C5    . G   A 1 7  ? -5.174  -1.750  6.674   1.00 62.68  ? 7   G   A C5    1 
ATOM   140 C C6    . G   A 1 7  ? -5.038  -0.411  6.212   1.00 61.09  ? 7   G   A C6    1 
ATOM   141 O O6    . G   A 1 7  ? -4.139  0.411   6.467   1.00 53.25  ? 7   G   A O6    1 
ATOM   142 N N1    . G   A 1 7  ? -6.094  -0.048  5.379   1.00 59.60  ? 7   G   A N1    1 
ATOM   143 C C2    . G   A 1 7  ? -7.151  -0.856  5.047   1.00 60.05  ? 7   G   A C2    1 
ATOM   144 N N2    . G   A 1 7  ? -8.062  -0.329  4.224   1.00 61.48  ? 7   G   A N2    1 
ATOM   145 N N3    . G   A 1 7  ? -7.306  -2.092  5.497   1.00 62.71  ? 7   G   A N3    1 
ATOM   146 C C4    . G   A 1 7  ? -6.293  -2.466  6.305   1.00 59.99  ? 7   G   A C4    1 
ATOM   147 P P     . C   A 1 8  ? -5.449  -7.250  3.105   1.00 83.59  ? 8   C   A P     1 
ATOM   148 O OP1   . C   A 1 8  ? -5.651  -8.450  2.277   1.00 80.60  ? 8   C   A OP1   1 
ATOM   149 O OP2   . C   A 1 8  ? -4.089  -6.781  3.457   1.00 56.43  ? 8   C   A OP2   1 
ATOM   150 O "O5'" . C   A 1 8  ? -6.219  -6.101  2.315   1.00 71.31  ? 8   C   A "O5'" 1 
ATOM   151 C "C5'" . C   A 1 8  ? -7.500  -6.349  1.731   1.00 72.47  ? 8   C   A "C5'" 1 
ATOM   152 C "C4'" . C   A 1 8  ? -8.038  -5.110  1.052   1.00 77.37  ? 8   C   A "C4'" 1 
ATOM   153 O "O4'" . C   A 1 8  ? -8.159  -3.995  1.989   1.00 71.93  ? 8   C   A "O4'" 1 
ATOM   154 C "C3'" . C   A 1 8  ? -7.205  -4.534  -0.086  1.00 75.22  ? 8   C   A "C3'" 1 
ATOM   155 O "O3'" . C   A 1 8  ? -7.359  -5.246  -1.318  1.00 73.18  ? 8   C   A "O3'" 1 
ATOM   156 C "C2'" . C   A 1 8  ? -7.791  -3.135  -0.190  1.00 65.51  ? 8   C   A "C2'" 1 
ATOM   157 O "O2'" . C   A 1 8  ? -9.004  -3.119  -0.886  1.00 57.19  ? 8   C   A "O2'" 1 
ATOM   158 C "C1'" . C   A 1 8  ? -7.987  -2.777  1.285   1.00 69.61  ? 8   C   A "C1'" 1 
ATOM   159 N N1    . C   A 1 8  ? -6.774  -2.107  1.764   1.00 73.58  ? 8   C   A N1    1 
ATOM   160 C C2    . C   A 1 8  ? -6.509  -0.829  1.276   1.00 63.10  ? 8   C   A C2    1 
ATOM   161 O O2    . C   A 1 8  ? -7.330  -0.300  0.518   1.00 72.04  ? 8   C   A O2    1 
ATOM   162 N N3    . C   A 1 8  ? -5.374  -0.205  1.641   1.00 55.15  ? 8   C   A N3    1 
ATOM   163 C C4    . C   A 1 8  ? -4.511  -0.817  2.455   1.00 56.70  ? 8   C   A C4    1 
ATOM   164 N N4    . C   A 1 8  ? -3.402  -0.159  2.799   1.00 50.91  ? 8   C   A N4    1 
ATOM   165 C C5    . C   A 1 8  ? -4.758  -2.115  2.977   1.00 59.44  ? 8   C   A C5    1 
ATOM   166 C C6    . C   A 1 8  ? -5.878  -2.731  2.585   1.00 67.02  ? 8   C   A C6    1 
ATOM   167 P P     . U   A 1 9  ? -6.080  -5.566  -2.233  1.00 76.17  ? 9   U   A P     1 
ATOM   168 O OP1   . U   A 1 9  ? -6.435  -6.673  -3.153  1.00 86.77  ? 9   U   A OP1   1 
ATOM   169 O OP2   . U   A 1 9  ? -4.918  -5.712  -1.358  1.00 69.54  ? 9   U   A OP2   1 
ATOM   170 O "O5'" . U   A 1 9  ? -5.892  -4.222  -3.065  1.00 66.86  ? 9   U   A "O5'" 1 
ATOM   171 C "C5'" . U   A 1 9  ? -6.991  -3.638  -3.757  1.00 73.31  ? 9   U   A "C5'" 1 
ATOM   172 C "C4'" . U   A 1 9  ? -6.719  -2.171  -3.989  1.00 75.05  ? 9   U   A "C4'" 1 
ATOM   173 O "O4'" . U   A 1 9  ? -6.609  -1.443  -2.731  1.00 70.70  ? 9   U   A "O4'" 1 
ATOM   174 C "C3'" . U   A 1 9  ? -5.426  -1.803  -4.688  1.00 64.61  ? 9   U   A "C3'" 1 
ATOM   175 O "O3'" . U   A 1 9  ? -5.580  -1.988  -6.074  1.00 61.64  ? 9   U   A "O3'" 1 
ATOM   176 C "C2'" . U   A 1 9  ? -5.355  -0.311  -4.387  1.00 68.29  ? 9   U   A "C2'" 1 
ATOM   177 O "O2'" . U   A 1 9  ? -6.275  0.376   -5.226  1.00 64.77  ? 9   U   A "O2'" 1 
ATOM   178 C "C1'" . U   A 1 9  ? -5.778  -0.296  -2.914  1.00 64.76  ? 9   U   A "C1'" 1 
ATOM   179 N N1    . U   A 1 9  ? -4.635  -0.411  -2.001  1.00 58.33  ? 9   U   A N1    1 
ATOM   180 C C2    . U   A 1 9  ? -3.801  0.680   -1.852  1.00 66.69  ? 9   U   A C2    1 
ATOM   181 O O2    . U   A 1 9  ? -3.990  1.747   -2.413  1.00 74.93  ? 9   U   A O2    1 
ATOM   182 N N3    . U   A 1 9  ? -2.742  0.480   -1.007  1.00 76.04  ? 9   U   A N3    1 
ATOM   183 C C4    . U   A 1 9  ? -2.423  -0.673  -0.320  1.00 64.88  ? 9   U   A C4    1 
ATOM   184 O O4    . U   A 1 9  ? -1.409  -0.699  0.384   1.00 64.89  ? 9   U   A O4    1 
ATOM   185 C C5    . U   A 1 9  ? -3.323  -1.761  -0.536  1.00 51.39  ? 9   U   A C5    1 
ATOM   186 C C6    . U   A 1 9  ? -4.373  -1.597  -1.347  1.00 63.84  ? 9   U   A C6    1 
ATOM   187 P P     . A   A 1 10 ? -4.449  -2.738  -6.895  1.00 74.13  ? 10  A   A P     1 
ATOM   188 O OP1   . A   A 1 10 ? -5.077  -3.213  -8.119  1.00 63.46  ? 10  A   A OP1   1 
ATOM   189 O OP2   . A   A 1 10 ? -3.714  -3.672  -5.975  1.00 69.69  ? 10  A   A OP2   1 
ATOM   190 O "O5'" . A   A 1 10 ? -3.324  -1.646  -7.172  1.00 66.53  ? 10  A   A "O5'" 1 
ATOM   191 C "C5'" . A   A 1 10 ? -3.611  -0.314  -7.625  1.00 66.39  ? 10  A   A "C5'" 1 
ATOM   192 C "C4'" . A   A 1 10 ? -2.395  0.569   -7.467  1.00 60.96  ? 10  A   A "C4'" 1 
ATOM   193 O "O4'" . A   A 1 10 ? -2.117  0.779   -6.046  1.00 54.27  ? 10  A   A "O4'" 1 
ATOM   194 C "C3'" . A   A 1 10 ? -1.101  0.039   -8.098  1.00 59.25  ? 10  A   A "C3'" 1 
ATOM   195 O "O3'" . A   A 1 10 ? -0.477  0.980   -8.972  1.00 68.85  ? 10  A   A "O3'" 1 
ATOM   196 C "C2'" . A   A 1 10 ? -0.192  -0.238  -6.900  1.00 59.27  ? 10  A   A "C2'" 1 
ATOM   197 O "O2'" . A   A 1 10 ? 1.206   -0.066  -7.079  1.00 67.55  ? 10  A   A "O2'" 1 
ATOM   198 C "C1'" . A   A 1 10 ? -0.720  0.753   -5.851  1.00 56.20  ? 10  A   A "C1'" 1 
ATOM   199 N N9    . A   A 1 10 ? -0.427  0.278   -4.505  1.00 47.29  ? 10  A   A N9    1 
ATOM   200 C C8    . A   A 1 10 ? -0.915  -0.872  -3.939  1.00 47.98  ? 10  A   A C8    1 
ATOM   201 N N7    . A   A 1 10 ? -0.402  -1.144  -2.766  1.00 51.33  ? 10  A   A N7    1 
ATOM   202 C C5    . A   A 1 10 ? 0.511   -0.120  -2.556  1.00 50.63  ? 10  A   A C5    1 
ATOM   203 C C6    . A   A 1 10 ? 1.371   0.174   -1.484  1.00 57.64  ? 10  A   A C6    1 
ATOM   204 N N6    . A   A 1 10 ? 1.467   -0.574  -0.387  1.00 62.01  ? 10  A   A N6    1 
ATOM   205 N N1    . A   A 1 10 ? 2.143   1.283   -1.581  1.00 68.48  ? 10  A   A N1    1 
ATOM   206 C C2    . A   A 1 10 ? 2.052   2.031   -2.690  1.00 57.33  ? 10  A   A C2    1 
ATOM   207 N N3    . A   A 1 10 ? 1.274   1.858   -3.761  1.00 58.66  ? 10  A   A N3    1 
ATOM   208 C C4    . A   A 1 10 ? 0.507   0.763   -3.622  1.00 47.93  ? 10  A   A C4    1 
ATOM   209 P P     . A   A 1 11 ? -0.990  1.147   -10.468 1.00 64.30  ? 11  A   A P     1 
ATOM   210 O OP1   . A   A 1 11 ? -2.444  0.828   -10.525 1.00 59.44  ? 11  A   A OP1   1 
ATOM   211 O OP2   . A   A 1 11 ? -0.069  0.395   -11.348 1.00 60.99  ? 11  A   A OP2   1 
ATOM   212 O "O5'" . A   A 1 11 ? -0.776  2.703   -10.681 1.00 73.57  ? 11  A   A "O5'" 1 
ATOM   213 C "C5'" . A   A 1 11 ? -1.308  3.381   -11.831 1.00 73.77  ? 11  A   A "C5'" 1 
ATOM   214 C "C4'" . A   A 1 11 ? -1.303  4.853   -11.556 1.00 71.46  ? 11  A   A "C4'" 1 
ATOM   215 O "O4'" . A   A 1 11 ? -2.019  5.087   -10.308 1.00 74.24  ? 11  A   A "O4'" 1 
ATOM   216 C "C3'" . A   A 1 11 ? 0.077   5.469   -11.338 1.00 69.17  ? 11  A   A "C3'" 1 
ATOM   217 O "O3'" . A   A 1 11 ? 0.704   5.831   -12.572 1.00 65.54  ? 11  A   A "O3'" 1 
ATOM   218 C "C2'" . A   A 1 11 ? -0.249  6.671   -10.448 1.00 69.55  ? 11  A   A "C2'" 1 
ATOM   219 O "O2'" . A   A 1 11 ? -0.615  7.859   -11.109 1.00 69.01  ? 11  A   A "O2'" 1 
ATOM   220 C "C1'" . A   A 1 11 ? -1.389  6.125   -9.580  1.00 63.85  ? 11  A   A "C1'" 1 
ATOM   221 N N9    . A   A 1 11 ? -0.857  5.551   -8.362  1.00 64.49  ? 11  A   A N9    1 
ATOM   222 C C8    . A   A 1 11 ? -0.852  4.235   -7.972  1.00 70.98  ? 11  A   A C8    1 
ATOM   223 N N7    . A   A 1 11 ? -0.239  4.025   -6.833  1.00 74.77  ? 11  A   A N7    1 
ATOM   224 C C5    . A   A 1 11 ? 0.203   5.284   -6.455  1.00 59.82  ? 11  A   A C5    1 
ATOM   225 C C6    . A   A 1 11 ? 0.934   5.736   -5.338  1.00 61.97  ? 11  A   A C6    1 
ATOM   226 N N6    . A   A 1 11 ? 1.373   4.925   -4.376  1.00 50.63  ? 11  A   A N6    1 
ATOM   227 N N1    . A   A 1 11 ? 1.219   7.058   -5.261  1.00 58.58  ? 11  A   A N1    1 
ATOM   228 C C2    . A   A 1 11 ? 0.811   7.858   -6.260  1.00 71.48  ? 11  A   A C2    1 
ATOM   229 N N3    . A   A 1 11 ? 0.119   7.548   -7.363  1.00 68.56  ? 11  A   A N3    1 
ATOM   230 C C4    . A   A 1 11 ? -0.150  6.230   -7.400  1.00 62.07  ? 11  A   A C4    1 
ATOM   231 P P     . G   A 1 12 ? 2.266   5.532   -12.827 1.00 64.39  ? 12  G   A P     1 
ATOM   232 O OP1   . G   A 1 12 ? 2.667   6.172   -14.117 1.00 76.67  ? 12  G   A OP1   1 
ATOM   233 O OP2   . G   A 1 12 ? 2.510   4.068   -12.561 1.00 61.63  ? 12  G   A OP2   1 
ATOM   234 O "O5'" . G   A 1 12 ? 3.048   6.403   -11.756 1.00 58.42  ? 12  G   A "O5'" 1 
ATOM   235 C "C5'" . G   A 1 12 ? 2.885   7.817   -11.689 1.00 62.95  ? 12  G   A "C5'" 1 
ATOM   236 C "C4'" . G   A 1 12 ? 3.588   8.337   -10.467 1.00 66.24  ? 12  G   A "C4'" 1 
ATOM   237 O "O4'" . G   A 1 12 ? 2.798   8.009   -9.296  1.00 69.76  ? 12  G   A "O4'" 1 
ATOM   238 C "C3'" . G   A 1 12 ? 4.969   7.754   -10.189 1.00 68.95  ? 12  G   A "C3'" 1 
ATOM   239 O "O3'" . G   A 1 12 ? 6.003   8.457   -10.867 1.00 73.57  ? 12  G   A "O3'" 1 
ATOM   240 C "C2'" . G   A 1 12 ? 5.076   7.918   -8.682  1.00 73.61  ? 12  G   A "C2'" 1 
ATOM   241 O "O2'" . G   A 1 12 ? 5.591   9.189   -8.298  1.00 70.04  ? 12  G   A "O2'" 1 
ATOM   242 C "C1'" . G   A 1 12 ? 3.648   7.563   -8.249  1.00 67.41  ? 12  G   A "C1'" 1 
ATOM   243 N N9    . G   A 1 12 ? 3.423   6.126   -8.051  1.00 70.09  ? 12  G   A N9    1 
ATOM   244 C C8    . G   A 1 12 ? 2.734   5.275   -8.884  1.00 71.93  ? 12  G   A C8    1 
ATOM   245 N N7    . G   A 1 12 ? 2.696   4.047   -8.446  1.00 73.15  ? 12  G   A N7    1 
ATOM   246 C C5    . G   A 1 12 ? 3.402   4.087   -7.253  1.00 62.70  ? 12  G   A C5    1 
ATOM   247 C C6    . G   A 1 12 ? 3.710   3.052   -6.338  1.00 60.46  ? 12  G   A C6    1 
ATOM   248 O O6    . G   A 1 12 ? 3.412   1.855   -6.399  1.00 62.59  ? 12  G   A O6    1 
ATOM   249 N N1    . G   A 1 12 ? 4.478   3.519   -5.280  1.00 64.71  ? 12  G   A N1    1 
ATOM   250 C C2    . G   A 1 12 ? 4.898   4.815   -5.122  1.00 61.81  ? 12  G   A C2    1 
ATOM   251 N N2    . G   A 1 12 ? 5.605   5.071   -4.022  1.00 68.19  ? 12  G   A N2    1 
ATOM   252 N N3    . G   A 1 12 ? 4.605   5.796   -5.961  1.00 63.65  ? 12  G   A N3    1 
ATOM   253 C C4    . G   A 1 12 ? 3.872   5.359   -7.005  1.00 58.47  ? 12  G   A C4    1 
ATOM   254 P P     . G   A 1 13 ? 7.263   7.663   -11.504 1.00 77.88  ? 13  G   A P     1 
ATOM   255 O OP1   . G   A 1 13 ? 8.151   8.655   -12.147 1.00 94.14  ? 13  G   A OP1   1 
ATOM   256 O OP2   . G   A 1 13 ? 6.768   6.500   -12.282 1.00 80.13  ? 13  G   A OP2   1 
ATOM   257 O "O5'" . G   A 1 13 ? 8.015   7.101   -10.222 1.00 71.82  ? 13  G   A "O5'" 1 
ATOM   258 C "C5'" . G   A 1 13 ? 8.653   7.983   -9.296  1.00 79.68  ? 13  G   A "C5'" 1 
ATOM   259 C "C4'" . G   A 1 13 ? 9.177   7.170   -8.147  1.00 85.77  ? 13  G   A "C4'" 1 
ATOM   260 O "O4'" . G   A 1 13 ? 8.066   6.621   -7.396  1.00 93.57  ? 13  G   A "O4'" 1 
ATOM   261 C "C3'" . G   A 1 13 ? 9.979   5.946   -8.548  1.00 82.90  ? 13  G   A "C3'" 1 
ATOM   262 O "O3'" . G   A 1 13 ? 11.290  6.371   -8.841  1.00 89.07  ? 13  G   A "O3'" 1 
ATOM   263 C "C2'" . G   A 1 13 ? 9.859   5.063   -7.313  1.00 72.72  ? 13  G   A "C2'" 1 
ATOM   264 O "O2'" . G   A 1 13 ? 10.802  5.320   -6.290  1.00 62.13  ? 13  G   A "O2'" 1 
ATOM   265 C "C1'" . G   A 1 13 ? 8.411   5.331   -6.908  1.00 74.75  ? 13  G   A "C1'" 1 
ATOM   266 N N9    . G   A 1 13 ? 7.514   4.362   -7.513  1.00 67.38  ? 13  G   A N9    1 
ATOM   267 C C8    . G   A 1 13 ? 6.779   4.481   -8.672  1.00 69.15  ? 13  G   A C8    1 
ATOM   268 N N7    . G   A 1 13 ? 6.115   3.396   -8.968  1.00 73.63  ? 13  G   A N7    1 
ATOM   269 C C5    . G   A 1 13 ? 6.468   2.496   -7.971  1.00 62.87  ? 13  G   A C5    1 
ATOM   270 C C6    . G   A 1 13 ? 6.058   1.154   -7.759  1.00 63.42  ? 13  G   A C6    1 
ATOM   271 O O6    . G   A 1 13 ? 5.271   0.471   -8.437  1.00 55.86  ? 13  G   A O6    1 
ATOM   272 N N1    . G   A 1 13 ? 6.616   0.629   -6.594  1.00 58.04  ? 13  G   A N1    1 
ATOM   273 C C2    . G   A 1 13 ? 7.505   1.294   -5.773  1.00 70.80  ? 13  G   A C2    1 
ATOM   274 N N2    . G   A 1 13 ? 7.972   0.615   -4.710  1.00 68.91  ? 13  G   A N2    1 
ATOM   275 N N3    . G   A 1 13 ? 7.890   2.544   -5.963  1.00 61.45  ? 13  G   A N3    1 
ATOM   276 C C4    . G   A 1 13 ? 7.326   3.082   -7.063  1.00 61.91  ? 13  G   A C4    1 
ATOM   277 P P     . C   A 1 14 ? 12.227  5.471   -9.736  1.00 93.89  ? 14  C   A P     1 
ATOM   278 O OP1   . C   A 1 14 ? 13.621  5.759   -9.318  1.00 96.08  ? 14  C   A OP1   1 
ATOM   279 O OP2   . C   A 1 14 ? 11.787  5.573   -11.131 1.00 79.68  ? 14  C   A OP2   1 
ATOM   280 O "O5'" . C   A 1 14 ? 11.741  3.992   -9.426  1.00 91.73  ? 14  C   A "O5'" 1 
ATOM   281 C "C5'" . C   A 1 14 ? 12.607  2.891   -9.647  1.00 90.11  ? 14  C   A "C5'" 1 
ATOM   282 C "C4'" . C   A 1 14 ? 12.734  2.099   -8.375  1.00 87.75  ? 14  C   A "C4'" 1 
ATOM   283 O "O4'" . C   A 1 14 ? 11.484  2.119   -7.634  1.00 91.35  ? 14  C   A "O4'" 1 
ATOM   284 C "C3'" . C   A 1 14 ? 13.057  0.640   -8.614  1.00 80.73  ? 14  C   A "C3'" 1 
ATOM   285 O "O3'" . C   A 1 14 ? 14.473  0.579   -8.638  1.00 71.83  ? 14  C   A "O3'" 1 
ATOM   286 C "C2'" . C   A 1 14 ? 12.341  -0.054  -7.470  1.00 75.55  ? 14  C   A "C2'" 1 
ATOM   287 O "O2'" . C   A 1 14 ? 13.134  -0.002  -6.310  1.00 74.03  ? 14  C   A "O2'" 1 
ATOM   288 C "C1'" . C   A 1 14 ? 11.076  0.793   -7.357  1.00 80.64  ? 14  C   A "C1'" 1 
ATOM   289 N N1    . C   A 1 14 ? 9.992   0.416   -8.294  1.00 70.76  ? 14  C   A N1    1 
ATOM   290 C C2    . C   A 1 14 ? 9.289   -0.762  -8.044  1.00 73.21  ? 14  C   A C2    1 
ATOM   291 O O2    . C   A 1 14 ? 9.621   -1.467  -7.075  1.00 69.64  ? 14  C   A O2    1 
ATOM   292 N N3    . C   A 1 14 ? 8.289   -1.125  -8.879  1.00 73.73  ? 14  C   A N3    1 
ATOM   293 C C4    . C   A 1 14 ? 7.994   -0.365  -9.936  1.00 74.29  ? 14  C   A C4    1 
ATOM   294 N N4    . C   A 1 14 ? 6.990   -0.760  -10.733 1.00 58.37  ? 14  C   A N4    1 
ATOM   295 C C5    . C   A 1 14 ? 8.677   0.857   -10.199 1.00 63.75  ? 14  C   A C5    1 
ATOM   296 C C6    . C   A 1 14 ? 9.653   1.209   -9.357  1.00 72.81  ? 14  C   A C6    1 
ATOM   297 P P     . C   A 1 15 ? 15.170  -0.413  -9.639  1.00 72.14  ? 15  C   A P     1 
ATOM   298 O OP1   . C   A 1 15 ? 16.648  -0.401  -9.378  1.00 73.23  ? 15  C   A OP1   1 
ATOM   299 O OP2   . C   A 1 15 ? 14.632  -0.160  -10.990 1.00 60.66  ? 15  C   A OP2   1 
ATOM   300 O "O5'" . C   A 1 15 ? 14.668  -1.811  -9.087  1.00 64.81  ? 15  C   A "O5'" 1 
ATOM   301 C "C5'" . C   A 1 15 ? 15.244  -2.353  -7.896  1.00 62.92  ? 15  C   A "C5'" 1 
ATOM   302 C "C4'" . C   A 1 15 ? 14.682  -3.730  -7.748  1.00 68.53  ? 15  C   A "C4'" 1 
ATOM   303 O "O4'" . C   A 1 15 ? 13.247  -3.613  -7.622  1.00 62.68  ? 15  C   A "O4'" 1 
ATOM   304 C "C3'" . C   A 1 15 ? 14.843  -4.613  -8.978  1.00 67.15  ? 15  C   A "C3'" 1 
ATOM   305 O "O3'" . C   A 1 15 ? 16.133  -5.172  -9.071  1.00 67.56  ? 15  C   A "O3'" 1 
ATOM   306 C "C2'" . C   A 1 15 ? 13.740  -5.642  -8.782  1.00 72.57  ? 15  C   A "C2'" 1 
ATOM   307 O "O2'" . C   A 1 15 ? 14.009  -6.759  -7.965  1.00 71.19  ? 15  C   A "O2'" 1 
ATOM   308 C "C1'" . C   A 1 15 ? 12.638  -4.781  -8.167  1.00 72.84  ? 15  C   A "C1'" 1 
ATOM   309 N N1    . C   A 1 15 ? 11.626  -4.389  -9.161  1.00 60.01  ? 15  C   A N1    1 
ATOM   310 C C2    . C   A 1 15 ? 10.596  -5.288  -9.458  1.00 63.30  ? 15  C   A C2    1 
ATOM   311 O O2    . C   A 1 15 ? 10.557  -6.382  -8.860  1.00 54.12  ? 15  C   A O2    1 
ATOM   312 N N3    . C   A 1 15 ? 9.653   -4.937  -10.366 1.00 59.65  ? 15  C   A N3    1 
ATOM   313 C C4    . C   A 1 15 ? 9.732   -3.756  -10.988 1.00 70.51  ? 15  C   A C4    1 
ATOM   314 N N4    . C   A 1 15 ? 8.781   -3.450  -11.872 1.00 75.48  ? 15  C   A N4    1 
ATOM   315 C C5    . C   A 1 15 ? 10.782  -2.830  -10.720 1.00 65.13  ? 15  C   A C5    1 
ATOM   316 C C6    . C   A 1 15 ? 11.696  -3.181  -9.805  1.00 65.27  ? 15  C   A C6    1 
ATOM   317 P P     . C   A 1 16 ? 16.673  -5.725  -10.481 1.00 73.55  ? 16  C   A P     1 
ATOM   318 O OP1   . C   A 1 16 ? 18.084  -6.089  -10.301 1.00 71.33  ? 16  C   A OP1   1 
ATOM   319 O OP2   . C   A 1 16 ? 16.282  -4.833  -11.578 1.00 56.02  ? 16  C   A OP2   1 
ATOM   320 O "O5'" . C   A 1 16 ? 15.788  -7.018  -10.731 1.00 69.65  ? 16  C   A "O5'" 1 
ATOM   321 C "C5'" . C   A 1 16 ? 16.107  -8.273  -10.105 1.00 69.25  ? 16  C   A "C5'" 1 
ATOM   322 C "C4'" . C   A 1 16 ? 15.246  -9.328  -10.730 1.00 71.78  ? 16  C   A "C4'" 1 
ATOM   323 O "O4'" . C   A 1 16 ? 13.847  -9.011  -10.469 1.00 76.98  ? 16  C   A "O4'" 1 
ATOM   324 C "C3'" . C   A 1 16 ? 15.283  -9.413  -12.255 1.00 77.16  ? 16  C   A "C3'" 1 
ATOM   325 O "O3'" . C   A 1 16 ? 16.331  -10.156 -12.842 1.00 69.92  ? 16  C   A "O3'" 1 
ATOM   326 C "C2'" . C   A 1 16 ? 14.003  -10.177 -12.523 1.00 72.19  ? 16  C   A "C2'" 1 
ATOM   327 O "O2'" . C   A 1 16 ? 14.221  -11.534 -12.174 1.00 74.23  ? 16  C   A "O2'" 1 
ATOM   328 C "C1'" . C   A 1 16 ? 13.053  -9.465  -11.563 1.00 67.20  ? 16  C   A "C1'" 1 
ATOM   329 N N1    . C   A 1 16 ? 12.344  -8.326  -12.179 1.00 62.63  ? 16  C   A N1    1 
ATOM   330 C C2    . C   A 1 16 ? 11.145  -8.589  -12.850 1.00 68.87  ? 16  C   A C2    1 
ATOM   331 O O2    . C   A 1 16 ? 10.733  -9.748  -12.886 1.00 52.01  ? 16  C   A O2    1 
ATOM   332 N N3    . C   A 1 16 ? 10.464  -7.571  -13.426 1.00 63.86  ? 16  C   A N3    1 
ATOM   333 C C4    . C   A 1 16 ? 10.946  -6.331  -13.363 1.00 70.12  ? 16  C   A C4    1 
ATOM   334 N N4    . C   A 1 16 ? 10.244  -5.357  -13.944 1.00 72.52  ? 16  C   A N4    1 
ATOM   335 C C5    . C   A 1 16 ? 12.171  -6.032  -12.695 1.00 69.78  ? 16  C   A C5    1 
ATOM   336 C C6    . C   A 1 16 ? 12.825  -7.049  -12.112 1.00 65.00  ? 16  C   A C6    1 
ATOM   337 P P     . G   A 1 17 ? 16.962  -9.729  -14.229 1.00 69.09  ? 17  G   A P     1 
ATOM   338 O OP1   . G   A 1 17 ? 18.022  -10.721 -14.545 1.00 66.21  ? 17  G   A OP1   1 
ATOM   339 O OP2   . G   A 1 17 ? 17.259  -8.278  -14.186 1.00 75.20  ? 17  G   A OP2   1 
ATOM   340 O "O5'" . G   A 1 17 ? 15.804  -9.999  -15.279 1.00 72.36  ? 17  G   A "O5'" 1 
ATOM   341 C "C5'" . G   A 1 17 ? 15.394  -11.353 -15.576 1.00 72.88  ? 17  G   A "C5'" 1 
ATOM   342 C "C4'" . G   A 1 17 ? 14.264  -11.333 -16.574 1.00 66.52  ? 17  G   A "C4'" 1 
ATOM   343 O "O4'" . G   A 1 17 ? 13.078  -10.764 -15.956 1.00 60.85  ? 17  G   A "O4'" 1 
ATOM   344 C "C3'" . G   A 1 17 ? 14.515  -10.438 -17.775 1.00 73.10  ? 17  G   A "C3'" 1 
ATOM   345 O "O3'" . G   A 1 17 ? 15.376  -11.087 -18.702 1.00 68.90  ? 17  G   A "O3'" 1 
ATOM   346 C "C2'" . G   A 1 17 ? 13.093  -10.162 -18.245 1.00 64.06  ? 17  G   A "C2'" 1 
ATOM   347 O "O2'" . G   A 1 17 ? 12.527  -11.165 -19.060 1.00 64.00  ? 17  G   A "O2'" 1 
ATOM   348 C "C1'" . G   A 1 17 ? 12.368  -9.974  -16.906 1.00 66.38  ? 17  G   A "C1'" 1 
ATOM   349 N N9    . G   A 1 17 ? 12.404  -8.551  -16.554 1.00 63.55  ? 17  G   A N9    1 
ATOM   350 C C8    . G   A 1 17 ? 13.398  -7.870  -15.896 1.00 66.06  ? 17  G   A C8    1 
ATOM   351 N N7    . G   A 1 17 ? 13.231  -6.577  -15.913 1.00 66.07  ? 17  G   A N7    1 
ATOM   352 C C5    . G   A 1 17 ? 12.063  -6.389  -16.633 1.00 67.14  ? 17  G   A C5    1 
ATOM   353 C C6    . G   A 1 17 ? 11.386  -5.197  -16.990 1.00 67.64  ? 17  G   A C6    1 
ATOM   354 O O6    . G   A 1 17 ? 11.662  -4.036  -16.682 1.00 71.07  ? 17  G   A O6    1 
ATOM   355 N N1    . G   A 1 17 ? 10.261  -5.459  -17.765 1.00 63.57  ? 17  G   A N1    1 
ATOM   356 C C2    . G   A 1 17 ? 9.830   -6.707  -18.130 1.00 70.17  ? 17  G   A C2    1 
ATOM   357 N N2    . G   A 1 17 ? 8.712   -6.764  -18.877 1.00 65.77  ? 17  G   A N2    1 
ATOM   358 N N3    . G   A 1 17 ? 10.453  -7.827  -17.801 1.00 66.22  ? 17  G   A N3    1 
ATOM   359 C C4    . G   A 1 17 ? 11.552  -7.595  -17.057 1.00 68.80  ? 17  G   A C4    1 
ATOM   360 P P     . A   A 1 18 ? 16.528  -10.274 -19.464 1.00 75.16  ? 18  A   A P     1 
ATOM   361 O OP1   . A   A 1 18 ? 17.353  -11.260 -20.218 1.00 76.98  ? 18  A   A OP1   1 
ATOM   362 O OP2   . A   A 1 18 ? 17.140  -9.261  -18.581 1.00 61.88  ? 18  A   A OP2   1 
ATOM   363 O "O5'" . A   A 1 18 ? 15.743  -9.343  -20.471 1.00 67.67  ? 18  A   A "O5'" 1 
ATOM   364 C "C5'" . A   A 1 18 ? 16.278  -8.081  -20.847 1.00 68.12  ? 18  A   A "C5'" 1 
ATOM   365 C "C4'" . A   A 1 18 ? 15.661  -7.718  -22.162 1.00 64.23  ? 18  A   A "C4'" 1 
ATOM   366 O "O4'" . A   A 1 18 ? 15.918  -8.821  -23.064 1.00 65.18  ? 18  A   A "O4'" 1 
ATOM   367 C "C3'" . A   A 1 18 ? 14.141  -7.565  -22.084 1.00 65.64  ? 18  A   A "C3'" 1 
ATOM   368 O "O3'" . A   A 1 18 ? 13.771  -6.199  -21.960 1.00 64.44  ? 18  A   A "O3'" 1 
ATOM   369 C "C2'" . A   A 1 18 ? 13.642  -8.133  -23.406 1.00 61.35  ? 18  A   A "C2'" 1 
ATOM   370 O "O2'" . A   A 1 18 ? 13.447  -7.134  -24.362 1.00 61.62  ? 18  A   A "O2'" 1 
ATOM   371 C "C1'" . A   A 1 18 ? 14.745  -9.127  -23.792 1.00 65.23  ? 18  A   A "C1'" 1 
ATOM   372 N N9    . A   A 1 18 ? 14.374  -10.506 -23.507 1.00 60.32  ? 18  A   A N9    1 
ATOM   373 C C8    . A   A 1 18 ? 15.005  -11.440 -22.716 1.00 61.41  ? 18  A   A C8    1 
ATOM   374 N N7    . A   A 1 18 ? 14.415  -12.613 -22.710 1.00 56.82  ? 18  A   A N7    1 
ATOM   375 C C5    . A   A 1 18 ? 13.319  -12.437 -23.550 1.00 59.06  ? 18  A   A C5    1 
ATOM   376 C C6    . A   A 1 18 ? 12.296  -13.310 -23.971 1.00 64.30  ? 18  A   A C6    1 
ATOM   377 N N6    . A   A 1 18 ? 12.193  -14.582 -23.573 1.00 58.22  ? 18  A   A N6    1 
ATOM   378 N N1    . A   A 1 18 ? 11.383  -12.830 -24.848 1.00 58.48  ? 18  A   A N1    1 
ATOM   379 C C2    . A   A 1 18 ? 11.475  -11.552 -25.233 1.00 70.78  ? 18  A   A C2    1 
ATOM   380 N N3    . A   A 1 18 ? 12.390  -10.635 -24.906 1.00 70.65  ? 18  A   A N3    1 
ATOM   381 C C4    . A   A 1 18 ? 13.287  -11.147 -24.049 1.00 55.06  ? 18  A   A C4    1 
ATOM   382 P P     . A   A 1 19 ? 12.745  -5.730  -20.851 1.00 70.08  ? 19  A   A P     1 
ATOM   383 O OP1   . A   A 1 19 ? 12.902  -4.273  -20.743 1.00 59.71  ? 19  A   A OP1   1 
ATOM   384 O OP2   . A   A 1 19 ? 12.908  -6.599  -19.636 1.00 55.43  ? 19  A   A OP2   1 
ATOM   385 O "O5'" . A   A 1 19 ? 11.343  -6.109  -21.513 1.00 60.96  ? 19  A   A "O5'" 1 
ATOM   386 C "C5'" . A   A 1 19 ? 10.906  -5.412  -22.681 1.00 63.31  ? 19  A   A "C5'" 1 
ATOM   387 C "C4'" . A   A 1 19 ? 9.850   -6.188  -23.431 1.00 62.11  ? 19  A   A "C4'" 1 
ATOM   388 O "O4'" . A   A 1 19 ? 10.378  -7.459  -23.871 1.00 55.10  ? 19  A   A "O4'" 1 
ATOM   389 C "C3'" . A   A 1 19 ? 8.566   -6.510  -22.672 1.00 61.93  ? 19  A   A "C3'" 1 
ATOM   390 O "O3'" . A   A 1 19 ? 7.717   -5.366  -22.817 1.00 66.34  ? 19  A   A "O3'" 1 
ATOM   391 C "C2'" . A   A 1 19 ? 8.065   -7.749  -23.403 1.00 59.39  ? 19  A   A "C2'" 1 
ATOM   392 O "O2'" . A   A 1 19 ? 7.340   -7.546  -24.592 1.00 64.08  ? 19  A   A "O2'" 1 
ATOM   393 C "C1'" . A   A 1 19 ? 9.372   -8.446  -23.781 1.00 67.59  ? 19  A   A "C1'" 1 
ATOM   394 N N9    . A   A 1 19 ? 9.828   -9.472  -22.844 1.00 64.19  ? 19  A   A N9    1 
ATOM   395 C C8    . A   A 1 19 ? 10.689  -9.315  -21.785 1.00 71.75  ? 19  A   A C8    1 
ATOM   396 N N7    . A   A 1 19 ? 10.971  -10.433 -21.163 1.00 58.22  ? 19  A   A N7    1 
ATOM   397 C C5    . A   A 1 19 ? 10.229  -11.387 -21.843 1.00 67.03  ? 19  A   A C5    1 
ATOM   398 C C6    . A   A 1 19 ? 10.049  -12.766 -21.639 1.00 67.10  ? 19  A   A C6    1 
ATOM   399 N N6    . A   A 1 19 ? 10.653  -13.454 -20.665 1.00 58.06  ? 19  A   A N6    1 
ATOM   400 N N1    . A   A 1 19 ? 9.218   -13.423 -22.480 1.00 57.82  ? 19  A   A N1    1 
ATOM   401 C C2    . A   A 1 19 ? 8.584   -12.724 -23.425 1.00 60.24  ? 19  A   A C2    1 
ATOM   402 N N3    . A   A 1 19 ? 8.651   -11.422 -23.700 1.00 67.46  ? 19  A   A N3    1 
ATOM   403 C C4    . A   A 1 19 ? 9.505   -10.804 -22.868 1.00 62.17  ? 19  A   A C4    1 
ATOM   404 P P     . A   A 1 20 ? 6.400   -5.169  -21.937 1.00 63.32  ? 20  A   A P     1 
ATOM   405 O OP1   . A   A 1 20 ? 5.676   -3.984  -22.448 1.00 71.48  ? 20  A   A OP1   1 
ATOM   406 O OP2   . A   A 1 20 ? 6.780   -5.241  -20.515 1.00 62.73  ? 20  A   A OP2   1 
ATOM   407 O "O5'" . A   A 1 20 ? 5.577   -6.503  -22.181 1.00 68.58  ? 20  A   A "O5'" 1 
ATOM   408 C "C5'" . A   A 1 20 ? 4.541   -6.633  -23.152 1.00 66.43  ? 20  A   A "C5'" 1 
ATOM   409 C "C4'" . A   A 1 20 ? 4.015   -8.047  -23.094 1.00 68.03  ? 20  A   A "C4'" 1 
ATOM   410 O "O4'" . A   A 1 20 ? 5.130   -8.971  -23.173 1.00 64.06  ? 20  A   A "O4'" 1 
ATOM   411 C "C3'" . A   A 1 20 ? 3.321   -8.451  -21.802 1.00 66.02  ? 20  A   A "C3'" 1 
ATOM   412 O "O3'" . A   A 1 20 ? 1.961   -8.087  -21.894 1.00 71.02  ? 20  A   A "O3'" 1 
ATOM   413 C "C2'" . A   A 1 20 ? 3.442   -9.967  -21.859 1.00 61.49  ? 20  A   A "C2'" 1 
ATOM   414 O "O2'" . A   A 1 20 ? 2.533   -10.568 -22.765 1.00 52.57  ? 20  A   A "O2'" 1 
ATOM   415 C "C1'" . A   A 1 20 ? 4.862   -10.117 -22.387 1.00 60.78  ? 20  A   A "C1'" 1 
ATOM   416 N N9    . A   A 1 20 ? 5.846   -10.184 -21.316 1.00 60.66  ? 20  A   A N9    1 
ATOM   417 C C8    . A   A 1 20 ? 6.378   -9.151  -20.587 1.00 63.73  ? 20  A   A C8    1 
ATOM   418 N N7    . A   A 1 20 ? 7.190   -9.536  -19.636 1.00 58.70  ? 20  A   A N7    1 
ATOM   419 C C5    . A   A 1 20 ? 7.216   -10.917 -19.760 1.00 61.89  ? 20  A   A C5    1 
ATOM   420 C C6    . A   A 1 20 ? 7.918   -11.918 -19.061 1.00 68.51  ? 20  A   A C6    1 
ATOM   421 N N6    . A   A 1 20 ? 8.748   -11.663 -18.051 1.00 66.88  ? 20  A   A N6    1 
ATOM   422 N N1    . A   A 1 20 ? 7.742   -13.202 -19.450 1.00 60.95  ? 20  A   A N1    1 
ATOM   423 C C2    . A   A 1 20 ? 6.902   -13.452 -20.466 1.00 64.11  ? 20  A   A C2    1 
ATOM   424 N N3    . A   A 1 20 ? 6.177   -12.598 -21.192 1.00 62.69  ? 20  A   A N3    1 
ATOM   425 C C4    . A   A 1 20 ? 6.380   -11.333 -20.783 1.00 67.04  ? 20  A   A C4    1 
ATOM   426 P P     . G   A 1 21 ? 1.174   -7.580  -20.621 1.00 71.62  ? 21  G   A P     1 
ATOM   427 O OP1   . G   A 1 21 ? -0.266  -7.860  -20.892 1.00 80.54  ? 21  G   A OP1   1 
ATOM   428 O OP2   . G   A 1 21 ? 1.673   -6.227  -20.292 1.00 70.41  ? 21  G   A OP2   1 
ATOM   429 O "O5'" . G   A 1 21 ? 1.778   -8.393  -19.386 1.00 68.99  ? 21  G   A "O5'" 1 
ATOM   430 C "C5'" . G   A 1 21 ? 1.030   -9.375  -18.631 1.00 71.08  ? 21  G   A "C5'" 1 
ATOM   431 C "C4'" . G   A 1 21 ? 1.905   -10.459 -17.994 1.00 66.97  ? 21  G   A "C4'" 1 
ATOM   432 O "O4'" . G   A 1 21 ? 3.262   -10.498 -18.530 1.00 64.89  ? 21  G   A "O4'" 1 
ATOM   433 C "C3'" . G   A 1 21 ? 2.090   -10.356 -16.489 1.00 66.77  ? 21  G   A "C3'" 1 
ATOM   434 O "O3'" . G   A 1 21 ? 0.938   -10.941 -15.931 1.00 62.62  ? 21  G   A "O3'" 1 
ATOM   435 C "C2'" . G   A 1 21 ? 3.372   -11.148 -16.271 1.00 59.98  ? 21  G   A "C2'" 1 
ATOM   436 O "O2'" . G   A 1 21 ? 3.158   -12.535 -16.352 1.00 58.05  ? 21  G   A "O2'" 1 
ATOM   437 C "C1'" . G   A 1 21 ? 4.196   -10.682 -17.472 1.00 60.26  ? 21  G   A "C1'" 1 
ATOM   438 N N9    . G   A 1 21 ? 4.894   -9.419  -17.247 1.00 61.66  ? 21  G   A N9    1 
ATOM   439 C C8    . G   A 1 21 ? 4.563   -8.186  -17.750 1.00 56.02  ? 21  G   A C8    1 
ATOM   440 N N7    . G   A 1 21 ? 5.360   -7.235  -17.340 1.00 63.97  ? 21  G   A N7    1 
ATOM   441 C C5    . G   A 1 21 ? 6.301   -7.887  -16.559 1.00 63.51  ? 21  G   A C5    1 
ATOM   442 C C6    . G   A 1 21 ? 7.430   -7.378  -15.859 1.00 64.79  ? 21  G   A C6    1 
ATOM   443 O O6    . G   A 1 21 ? 7.868   -6.227  -15.837 1.00 59.75  ? 21  G   A O6    1 
ATOM   444 N N1    . G   A 1 21 ? 8.109   -8.384  -15.186 1.00 64.76  ? 21  G   A N1    1 
ATOM   445 C C2    . G   A 1 21 ? 7.756   -9.711  -15.198 1.00 63.64  ? 21  G   A C2    1 
ATOM   446 N N2    . G   A 1 21 ? 8.532   -10.532 -14.491 1.00 54.37  ? 21  G   A N2    1 
ATOM   447 N N3    . G   A 1 21 ? 6.703   -10.194 -15.835 1.00 62.79  ? 21  G   A N3    1 
ATOM   448 C C4    . G   A 1 21 ? 6.022   -9.234  -16.481 1.00 64.79  ? 21  G   A C4    1 
ATOM   449 P P     . G   A 1 22 ? 0.533   -10.580 -14.467 1.00 70.03  ? 22  G   A P     1 
ATOM   450 O OP1   . G   A 1 22 ? -0.690  -11.351 -14.174 1.00 79.57  ? 22  G   A OP1   1 
ATOM   451 O OP2   . G   A 1 22 ? 0.574   -9.103  -14.322 1.00 58.40  ? 22  G   A OP2   1 
ATOM   452 O "O5'" . G   A 1 22 ? 1.788   -11.040 -13.610 1.00 70.51  ? 22  G   A "O5'" 1 
ATOM   453 C "C5'" . G   A 1 22 ? 2.025   -12.431 -13.326 1.00 78.50  ? 22  G   A "C5'" 1 
ATOM   454 C "C4'" . G   A 1 22 ? 3.262   -12.544 -12.483 1.00 70.01  ? 22  G   A "C4'" 1 
ATOM   455 O "O4'" . G   A 1 22 ? 4.355   -11.893 -13.171 1.00 66.34  ? 22  G   A "O4'" 1 
ATOM   456 C "C3'" . G   A 1 22 ? 3.146   -11.788 -11.178 1.00 68.72  ? 22  G   A "C3'" 1 
ATOM   457 O "O3'" . G   A 1 22 ? 2.397   -12.577 -10.280 1.00 79.30  ? 22  G   A "O3'" 1 
ATOM   458 C "C2'" . G   A 1 22 ? 4.599   -11.476 -10.844 1.00 65.17  ? 22  G   A "C2'" 1 
ATOM   459 O "O2'" . G   A 1 22 ? 5.336   -12.412 -10.104 1.00 63.50  ? 22  G   A "O2'" 1 
ATOM   460 C "C1'" . G   A 1 22 ? 5.203   -11.287 -12.231 1.00 61.04  ? 22  G   A "C1'" 1 
ATOM   461 N N9    . G   A 1 22 ? 5.326   -9.873  -12.543 1.00 66.35  ? 22  G   A N9    1 
ATOM   462 C C8    . G   A 1 22 ? 4.490   -9.077  -13.288 1.00 61.28  ? 22  G   A C8    1 
ATOM   463 N N7    . G   A 1 22 ? 4.878   -7.831  -13.329 1.00 68.07  ? 22  G   A N7    1 
ATOM   464 C C5    . G   A 1 22 ? 6.025   -7.801  -12.544 1.00 61.80  ? 22  G   A C5    1 
ATOM   465 C C6    . G   A 1 22 ? 6.873   -6.719  -12.195 1.00 65.84  ? 22  G   A C6    1 
ATOM   466 O O6    . G   A 1 22 ? 6.784   -5.532  -12.526 1.00 64.16  ? 22  G   A O6    1 
ATOM   467 N N1    . G   A 1 22 ? 7.923   -7.132  -11.379 1.00 66.95  ? 22  G   A N1    1 
ATOM   468 C C2    . G   A 1 22 ? 8.104   -8.414  -10.915 1.00 78.89  ? 22  G   A C2    1 
ATOM   469 N N2    . G   A 1 22 ? 9.173   -8.625  -10.125 1.00 71.74  ? 22  G   A N2    1 
ATOM   470 N N3    . G   A 1 22 ? 7.300   -9.421  -11.210 1.00 69.46  ? 22  G   A N3    1 
ATOM   471 C C4    . G   A 1 22 ? 6.305   -9.048  -12.042 1.00 61.33  ? 22  G   A C4    1 
ATOM   472 O OP3   . G   B 2 1  ? 0.694   -10.263 -9.184  1.00 80.84  ? 1   G   B OP3   1 
ATOM   473 P P     . G   B 2 1  ? 0.986   -9.467  -7.958  1.00 76.92  ? 1   G   B P     1 
ATOM   474 O OP1   . G   B 2 1  ? 0.365   -10.178 -6.782  1.00 95.00  ? 1   G   B OP1   1 
ATOM   475 O OP2   . G   B 2 1  ? 0.600   -8.055  -8.280  1.00 81.36  ? 1   G   B OP2   1 
ATOM   476 O "O5'" . G   B 2 1  ? 2.568   -9.480  -7.789  1.00 65.53  ? 1   G   B "O5'" 1 
ATOM   477 C "C5'" . G   B 2 1  ? 3.251   -10.621 -7.292  1.00 64.79  ? 1   G   B "C5'" 1 
ATOM   478 C "C4'" . G   B 2 1  ? 4.612   -10.225 -6.783  1.00 63.66  ? 1   G   B "C4'" 1 
ATOM   479 O "O4'" . G   B 2 1  ? 5.476   -9.835  -7.893  1.00 51.88  ? 1   G   B "O4'" 1 
ATOM   480 C "C3'" . G   B 2 1  ? 4.674   -9.048  -5.814  1.00 62.87  ? 1   G   B "C3'" 1 
ATOM   481 O "O3'" . G   B 2 1  ? 4.420   -9.497  -4.493  1.00 78.93  ? 1   G   B "O3'" 1 
ATOM   482 C "C2'" . G   B 2 1  ? 6.118   -8.615  -5.993  1.00 66.44  ? 1   G   B "C2'" 1 
ATOM   483 O "O2'" . G   B 2 1  ? 6.990   -9.598  -5.474  1.00 63.65  ? 1   G   B "O2'" 1 
ATOM   484 C "C1'" . G   B 2 1  ? 6.246   -8.693  -7.518  1.00 67.39  ? 1   G   B "C1'" 1 
ATOM   485 N N9    . G   B 2 1  ? 5.773   -7.515  -8.264  1.00 61.22  ? 1   G   B N9    1 
ATOM   486 C C8    . G   B 2 1  ? 4.651   -7.418  -9.053  1.00 62.18  ? 1   G   B C8    1 
ATOM   487 N N7    . G   B 2 1  ? 4.541   -6.259  -9.650  1.00 70.11  ? 1   G   B N7    1 
ATOM   488 C C5    . G   B 2 1  ? 5.622   -5.524  -9.178  1.00 60.10  ? 1   G   B C5    1 
ATOM   489 C C6    . G   B 2 1  ? 6.002   -4.173  -9.424  1.00 55.88  ? 1   G   B C6    1 
ATOM   490 O O6    . G   B 2 1  ? 5.453   -3.337  -10.149 1.00 63.92  ? 1   G   B O6    1 
ATOM   491 N N1    . G   B 2 1  ? 7.168   -3.835  -8.746  1.00 59.33  ? 1   G   B N1    1 
ATOM   492 C C2    . G   B 2 1  ? 7.878   -4.680  -7.927  1.00 58.34  ? 1   G   B C2    1 
ATOM   493 N N2    . G   B 2 1  ? 8.976   -4.162  -7.351  1.00 56.88  ? 1   G   B N2    1 
ATOM   494 N N3    . G   B 2 1  ? 7.529   -5.932  -7.674  1.00 65.37  ? 1   G   B N3    1 
ATOM   495 C C4    . G   B 2 1  ? 6.402   -6.289  -8.333  1.00 61.39  ? 1   G   B C4    1 
ATOM   496 P P     . C   B 2 2  ? 3.733   -8.525  -3.407  1.00 72.10  ? 2   C   B P     1 
ATOM   497 O OP1   . C   B 2 2  ? 3.587   -9.319  -2.163  1.00 71.07  ? 2   C   B OP1   1 
ATOM   498 O OP2   . C   B 2 2  ? 2.536   -7.888  -4.030  1.00 64.81  ? 2   C   B OP2   1 
ATOM   499 O "O5'" . C   B 2 2  ? 4.864   -7.434  -3.177  1.00 62.40  ? 2   C   B "O5'" 1 
ATOM   500 C "C5'" . C   B 2 2  ? 6.045   -7.828  -2.469  1.00 67.36  ? 2   C   B "C5'" 1 
ATOM   501 C "C4'" . C   B 2 2  ? 6.951   -6.640  -2.236  1.00 74.00  ? 2   C   B "C4'" 1 
ATOM   502 O "O4'" . C   B 2 2  ? 7.416   -6.098  -3.509  1.00 68.43  ? 2   C   B "O4'" 1 
ATOM   503 C "C3'" . C   B 2 2  ? 6.329   -5.456  -1.516  1.00 64.14  ? 2   C   B "C3'" 1 
ATOM   504 O "O3'" . C   B 2 2  ? 6.347   -5.614  -0.106  1.00 64.82  ? 2   C   B "O3'" 1 
ATOM   505 C "C2'" . C   B 2 2  ? 7.242   -4.316  -1.950  1.00 70.98  ? 2   C   B "C2'" 1 
ATOM   506 O "O2'" . C   B 2 2  ? 8.428   -4.311  -1.185  1.00 74.76  ? 2   C   B "O2'" 1 
ATOM   507 C "C1'" . C   B 2 2  ? 7.544   -4.693  -3.401  1.00 73.38  ? 2   C   B "C1'" 1 
ATOM   508 N N1    . C   B 2 2  ? 6.650   -4.074  -4.390  1.00 71.81  ? 2   C   B N1    1 
ATOM   509 C C2    . C   B 2 2  ? 6.869   -2.743  -4.754  1.00 68.67  ? 2   C   B C2    1 
ATOM   510 O O2    . C   B 2 2  ? 7.774   -2.111  -4.195  1.00 78.30  ? 2   C   B O2    1 
ATOM   511 N N3    . C   B 2 2  ? 6.081   -2.177  -5.691  1.00 72.26  ? 2   C   B N3    1 
ATOM   512 C C4    . C   B 2 2  ? 5.105   -2.889  -6.260  1.00 67.82  ? 2   C   B C4    1 
ATOM   513 N N4    . C   B 2 2  ? 4.334   -2.283  -7.160  1.00 68.99  ? 2   C   B N4    1 
ATOM   514 C C5    . C   B 2 2  ? 4.867   -4.246  -5.917  1.00 63.23  ? 2   C   B C5    1 
ATOM   515 C C6    . C   B 2 2  ? 5.649   -4.792  -4.979  1.00 65.62  ? 2   C   B C6    1 
ATOM   516 P P     . U   B 2 3  ? 5.159   -4.958  0.799   1.00 65.79  ? 3   U   B P     1 
ATOM   517 O OP1   . U   B 2 3  ? 5.474   -5.241  2.199   1.00 78.15  ? 3   U   B OP1   1 
ATOM   518 O OP2   . U   B 2 3  ? 3.827   -5.280  0.239   1.00 65.81  ? 3   U   B OP2   1 
ATOM   519 O "O5'" . U   B 2 3  ? 5.330   -3.403  0.496   1.00 64.88  ? 3   U   B "O5'" 1 
ATOM   520 C "C5'" . U   B 2 3  ? 6.513   -2.736  0.967   1.00 67.78  ? 3   U   B "C5'" 1 
ATOM   521 C "C4'" . U   B 2 3  ? 6.552   -1.313  0.472   1.00 65.68  ? 3   U   B "C4'" 1 
ATOM   522 O "O4'" . U   B 2 3  ? 6.614   -1.311  -0.972  1.00 62.64  ? 3   U   B "O4'" 1 
ATOM   523 C "C3'" . U   B 2 3  ? 5.319   -0.467  0.771   1.00 68.96  ? 3   U   B "C3'" 1 
ATOM   524 O "O3'" . U   B 2 3  ? 5.355   -0.059  2.127   1.00 62.85  ? 3   U   B "O3'" 1 
ATOM   525 C "C2'" . U   B 2 3  ? 5.474   0.650   -0.252  1.00 69.68  ? 3   U   B "C2'" 1 
ATOM   526 O "O2'" . U   B 2 3  ? 6.430   1.627   0.133   1.00 67.22  ? 3   U   B "O2'" 1 
ATOM   527 C "C1'" . U   B 2 3  ? 6.003   -0.134  -1.464  1.00 66.90  ? 3   U   B "C1'" 1 
ATOM   528 N N1    . U   B 2 3  ? 4.964   -0.516  -2.431  1.00 62.55  ? 3   U   B N1    1 
ATOM   529 C C2    . U   B 2 3  ? 4.715   0.356   -3.473  1.00 72.11  ? 3   U   B C2    1 
ATOM   530 O O2    . U   B 2 3  ? 5.296   1.426   -3.591  1.00 61.74  ? 3   U   B O2    1 
ATOM   531 N N3    . U   B 2 3  ? 3.735   -0.052  -4.347  1.00 64.98  ? 3   U   B N3    1 
ATOM   532 C C4    . U   B 2 3  ? 2.999   -1.219  -4.294  1.00 67.60  ? 3   U   B C4    1 
ATOM   533 O O4    . U   B 2 3  ? 2.125   -1.430  -5.144  1.00 63.26  ? 3   U   B O4    1 
ATOM   534 C C5    . U   B 2 3  ? 3.314   -2.065  -3.184  1.00 62.90  ? 3   U   B C5    1 
ATOM   535 C C6    . U   B 2 3  ? 4.264   -1.696  -2.315  1.00 64.33  ? 3   U   B C6    1 
ATOM   536 P P     . A   B 2 4  ? 4.050   0.508   2.875   1.00 65.21  ? 4   A   B P     1 
ATOM   537 O OP1   . A   B 2 4  ? 4.323   0.518   4.334   1.00 67.12  ? 4   A   B OP1   1 
ATOM   538 O OP2   . A   B 2 4  ? 2.807   -0.158  2.373   1.00 57.23  ? 4   A   B OP2   1 
ATOM   539 O "O5'" . A   B 2 4  ? 3.936   1.999   2.329   1.00 65.95  ? 4   A   B "O5'" 1 
ATOM   540 C "C5'" . A   B 2 4  ? 2.882   2.775   2.914   1.00 71.49  ? 4   A   B "C5'" 1 
ATOM   541 C "C4'" . A   B 2 4  ? 3.002   4.212   2.525   1.00 74.68  ? 4   A   B "C4'" 1 
ATOM   542 O "O4'" . A   B 2 4  ? 2.443   4.370   1.191   1.00 64.13  ? 4   A   B "O4'" 1 
ATOM   543 C "C3'" . A   B 2 4  ? 2.194   5.165   3.406   1.00 71.30  ? 4   A   B "C3'" 1 
ATOM   544 O "O3'" . A   B 2 4  ? 2.836   6.404   3.215   1.00 71.52  ? 4   A   B "O3'" 1 
ATOM   545 C "C2'" . A   B 2 4  ? 0.822   5.108   2.749   1.00 71.87  ? 4   A   B "C2'" 1 
ATOM   546 O "O2'" . A   B 2 4  ? 0.008   6.219   3.054   1.00 74.99  ? 4   A   B "O2'" 1 
ATOM   547 C "C1'" . A   B 2 4  ? 1.229   5.094   1.277   1.00 69.76  ? 4   A   B "C1'" 1 
ATOM   548 N N9    . A   B 2 4  ? 0.281   4.529   0.323   1.00 58.10  ? 4   A   B N9    1 
ATOM   549 C C8    . A   B 2 4  ? -0.236  3.263   0.237   1.00 58.02  ? 4   A   B C8    1 
ATOM   550 N N7    . A   B 2 4  ? -1.048  3.092   -0.782  1.00 58.43  ? 4   A   B N7    1 
ATOM   551 C C5    . A   B 2 4  ? -1.043  4.322   -1.423  1.00 50.71  ? 4   A   B C5    1 
ATOM   552 C C6    . A   B 2 4  ? -1.669  4.784   -2.597  1.00 56.31  ? 4   A   B C6    1 
ATOM   553 N N6    . A   B 2 4  ? -2.494  4.045   -3.349  1.00 56.25  ? 4   A   B N6    1 
ATOM   554 N N1    . A   B 2 4  ? -1.439  6.063   -2.965  1.00 53.29  ? 4   A   B N1    1 
ATOM   555 C C2    . A   B 2 4  ? -0.634  6.812   -2.210  1.00 64.14  ? 4   A   B C2    1 
ATOM   556 N N3    . A   B 2 4  ? 0.013   6.491   -1.091  1.00 64.98  ? 4   A   B N3    1 
ATOM   557 C C4    . A   B 2 4  ? -0.214  5.210   -0.763  1.00 60.22  ? 4   A   B C4    1 
ATOM   558 P P     . U   B 2 5  ? 2.468   7.676   4.094   1.00 66.58  ? 5   U   B P     1 
ATOM   559 O OP1   . U   B 2 5  ? 3.693   8.125   4.729   1.00 55.85  ? 5   U   B OP1   1 
ATOM   560 O OP2   . U   B 2 5  ? 1.253   7.349   4.930   1.00 65.83  ? 5   U   B OP2   1 
ATOM   561 O "O5'" . U   B 2 5  ? 2.171   8.746   2.951   1.00 56.55  ? 5   U   B "O5'" 1 
ATOM   562 C "C5'" . U   B 2 5  ? 1.912   10.109  3.285   1.00 64.85  ? 5   U   B "C5'" 1 
ATOM   563 C "C4'" . U   B 2 5  ? 1.381   10.871  2.090   1.00 64.00  ? 5   U   B "C4'" 1 
ATOM   564 O "O4'" . U   B 2 5  ? 2.390   10.920  1.052   1.00 58.75  ? 5   U   B "O4'" 1 
ATOM   565 C "C3'" . U   B 2 5  ? 0.102   10.351  1.447   1.00 58.05  ? 5   U   B "C3'" 1 
ATOM   566 O "O3'" . U   B 2 5  ? -0.999  11.104  1.966   1.00 68.05  ? 5   U   B "O3'" 1 
ATOM   567 C "C2'" . U   B 2 5  ? 0.291   10.731  -0.019  1.00 63.15  ? 5   U   B "C2'" 1 
ATOM   568 O "O2'" . U   B 2 5  ? -0.134  12.038  -0.331  1.00 60.36  ? 5   U   B "O2'" 1 
ATOM   569 C "C1'" . U   B 2 5  ? 1.810   10.630  -0.203  1.00 62.86  ? 5   U   B "C1'" 1 
ATOM   570 N N1    . U   B 2 5  ? 2.306   9.320   -0.676  1.00 58.53  ? 5   U   B N1    1 
ATOM   571 C C2    . U   B 2 5  ? 1.988   8.948   -1.972  1.00 65.31  ? 5   U   B C2    1 
ATOM   572 O O2    . U   B 2 5  ? 1.269   9.620   -2.696  1.00 64.48  ? 5   U   B O2    1 
ATOM   573 N N3    . U   B 2 5  ? 2.490   7.729   -2.363  1.00 67.32  ? 5   U   B N3    1 
ATOM   574 C C4    . U   B 2 5  ? 3.263   6.860   -1.611  1.00 71.39  ? 5   U   B C4    1 
ATOM   575 O O4    . U   B 2 5  ? 3.625   5.786   -2.098  1.00 65.22  ? 5   U   B O4    1 
ATOM   576 C C5    . U   B 2 5  ? 3.566   7.326   -0.292  1.00 66.04  ? 5   U   B C5    1 
ATOM   577 C C6    . U   B 2 5  ? 3.085   8.507   0.122   1.00 65.57  ? 5   U   B C6    1 
ATOM   578 P P     . G   B 2 6  ? -2.388  10.438  2.475   1.00 65.96  ? 6   G   B P     1 
ATOM   579 O OP1   . G   B 2 6  ? -3.399  11.528  2.648   1.00 64.65  ? 6   G   B OP1   1 
ATOM   580 O OP2   . G   B 2 6  ? -2.090  9.509   3.582   1.00 73.30  ? 6   G   B OP2   1 
ATOM   581 O "O5'" . G   B 2 6  ? -2.914  9.640   1.213   1.00 62.81  ? 6   G   B "O5'" 1 
ATOM   582 C "C5'" . G   B 2 6  ? -3.258  10.332  0.010   1.00 61.30  ? 6   G   B "C5'" 1 
ATOM   583 C "C4'" . G   B 2 6  ? -4.328  9.556   -0.725  1.00 67.45  ? 6   G   B "C4'" 1 
ATOM   584 O "O4'" . G   B 2 6  ? -3.731  8.392   -1.366  1.00 65.15  ? 6   G   B "O4'" 1 
ATOM   585 C "C3'" . G   B 2 6  ? -5.455  9.004   0.143   1.00 62.08  ? 6   G   B "C3'" 1 
ATOM   586 O "O3'" . G   B 2 6  ? -6.452  9.995   0.315   1.00 63.59  ? 6   G   B "O3'" 1 
ATOM   587 C "C2'" . G   B 2 6  ? -5.890  7.775   -0.641  1.00 61.99  ? 6   G   B "C2'" 1 
ATOM   588 O "O2'" . G   B 2 6  ? -6.756  8.093   -1.713  1.00 58.65  ? 6   G   B "O2'" 1 
ATOM   589 C "C1'" . G   B 2 6  ? -4.532  7.248   -1.123  1.00 61.51  ? 6   G   B "C1'" 1 
ATOM   590 N N9    . G   B 2 6  ? -3.848  6.382   -0.163  1.00 60.47  ? 6   G   B N9    1 
ATOM   591 C C8    . G   B 2 6  ? -2.732  6.661   0.592   1.00 66.30  ? 6   G   B C8    1 
ATOM   592 N N7    . G   B 2 6  ? -2.373  5.667   1.361   1.00 67.58  ? 6   G   B N7    1 
ATOM   593 C C5    . G   B 2 6  ? -3.321  4.683   1.115   1.00 61.20  ? 6   G   B C5    1 
ATOM   594 C C6    . G   B 2 6  ? -3.451  3.381   1.657   1.00 64.06  ? 6   G   B C6    1 
ATOM   595 O O6    . G   B 2 6  ? -2.731  2.819   2.493   1.00 73.40  ? 6   G   B O6    1 
ATOM   596 N N1    . G   B 2 6  ? -4.549  2.711   1.121   1.00 62.84  ? 6   G   B N1    1 
ATOM   597 C C2    . G   B 2 6  ? -5.414  3.233   0.189   1.00 61.85  ? 6   G   B C2    1 
ATOM   598 N N2    . G   B 2 6  ? -6.430  2.449   -0.185  1.00 52.05  ? 6   G   B N2    1 
ATOM   599 N N3    . G   B 2 6  ? -5.291  4.439   -0.335  1.00 54.39  ? 6   G   B N3    1 
ATOM   600 C C4    . G   B 2 6  ? -4.241  5.110   0.182   1.00 58.05  ? 6   G   B C4    1 
ATOM   601 P P     . C   B 2 7  ? -7.399  9.959   1.579   1.00 71.46  ? 7   C   B P     1 
ATOM   602 O OP1   . C   B 2 7  ? -8.404  11.010  1.367   1.00 79.54  ? 7   C   B OP1   1 
ATOM   603 O OP2   . C   B 2 7  ? -6.617  9.902   2.832   1.00 64.86  ? 7   C   B OP2   1 
ATOM   604 O "O5'" . C   B 2 7  ? -7.932  8.483   1.502   1.00 69.29  ? 7   C   B "O5'" 1 
ATOM   605 C "C5'" . C   B 2 7  ? -8.905  8.017   2.382   1.00 71.97  ? 7   C   B "C5'" 1 
ATOM   606 C "C4'" . C   B 2 7  ? -9.465  6.777   1.766   1.00 66.31  ? 7   C   B "C4'" 1 
ATOM   607 O "O4'" . C   B 2 7  ? -8.376  6.002   1.183   1.00 68.16  ? 7   C   B "O4'" 1 
ATOM   608 C "C3'" . C   B 2 7  ? -10.130 5.852   2.759   1.00 64.10  ? 7   C   B "C3'" 1 
ATOM   609 O "O3'" . C   B 2 7  ? -11.466 6.308   2.910   1.00 67.61  ? 7   C   B "O3'" 1 
ATOM   610 C "C2'" . C   B 2 7  ? -9.908  4.488   2.133   1.00 55.46  ? 7   C   B "C2'" 1 
ATOM   611 O "O2'" . C   B 2 7  ? -10.850 4.275   1.107   1.00 64.82  ? 7   C   B "O2'" 1 
ATOM   612 C "C1'" . C   B 2 7  ? -8.488  4.640   1.572   1.00 63.92  ? 7   C   B "C1'" 1 
ATOM   613 N N1    . C   B 2 7  ? -7.406  4.330   2.535   1.00 62.86  ? 7   C   B N1    1 
ATOM   614 C C2    . C   B 2 7  ? -7.281  3.021   3.018   1.00 65.03  ? 7   C   B C2    1 
ATOM   615 O O2    . C   B 2 7  ? -8.056  2.143   2.599   1.00 73.26  ? 7   C   B O2    1 
ATOM   616 N N3    . C   B 2 7  ? -6.311  2.741   3.913   1.00 58.21  ? 7   C   B N3    1 
ATOM   617 C C4    . C   B 2 7  ? -5.488  3.701   4.331   1.00 60.73  ? 7   C   B C4    1 
ATOM   618 N N4    . C   B 2 7  ? -4.548  3.371   5.216   1.00 60.50  ? 7   C   B N4    1 
ATOM   619 C C5    . C   B 2 7  ? -5.587  5.040   3.857   1.00 59.94  ? 7   C   B C5    1 
ATOM   620 C C6    . C   B 2 7  ? -6.553  5.310   2.971   1.00 71.33  ? 7   C   B C6    1 
ATOM   621 P P     . C   B 2 8  ? -12.075 6.435   4.387   1.00 65.92  ? 8   C   B P     1 
ATOM   622 O OP1   . C   B 2 8  ? -13.368 7.160   4.275   1.00 76.29  ? 8   C   B OP1   1 
ATOM   623 O OP2   . C   B 2 8  ? -11.004 6.927   5.293   1.00 71.15  ? 8   C   B OP2   1 
ATOM   624 O "O5'" . C   B 2 8  ? -12.328 4.909   4.747   1.00 69.65  ? 8   C   B "O5'" 1 
ATOM   625 C "C5'" . C   B 2 8  ? -13.237 4.182   3.920   1.00 72.82  ? 8   C   B "C5'" 1 
ATOM   626 C "C4'" . C   B 2 8  ? -13.247 2.748   4.343   1.00 74.30  ? 8   C   B "C4'" 1 
ATOM   627 O "O4'" . C   B 2 8  ? -11.964 2.151   4.049   1.00 67.11  ? 8   C   B "O4'" 1 
ATOM   628 C "C3'" . C   B 2 8  ? -13.428 2.508   5.824   1.00 68.82  ? 8   C   B "C3'" 1 
ATOM   629 O "O3'" . C   B 2 8  ? -14.811 2.544   6.106   1.00 81.82  ? 8   C   B "O3'" 1 
ATOM   630 C "C2'" . C   B 2 8  ? -12.888 1.105   5.964   1.00 63.56  ? 8   C   B "C2'" 1 
ATOM   631 O "O2'" . C   B 2 8  ? -13.841 0.151   5.575   1.00 67.14  ? 8   C   B "O2'" 1 
ATOM   632 C "C1'" . C   B 2 8  ? -11.686 1.173   5.033   1.00 74.43  ? 8   C   B "C1'" 1 
ATOM   633 N N1    . C   B 2 8  ? -10.491 1.575   5.771   1.00 63.43  ? 8   C   B N1    1 
ATOM   634 C C2    . C   B 2 8  ? -9.887  0.632   6.595   1.00 67.85  ? 8   C   B C2    1 
ATOM   635 O O2    . C   B 2 8  ? -10.373 -0.508  6.652   1.00 62.93  ? 8   C   B O2    1 
ATOM   636 N N3    . C   B 2 8  ? -8.783  0.974   7.293   1.00 63.28  ? 8   C   B N3    1 
ATOM   637 C C4    . C   B 2 8  ? -8.288  2.206   7.196   1.00 59.35  ? 8   C   B C4    1 
ATOM   638 N N4    . C   B 2 8  ? -7.191  2.498   7.903   1.00 63.72  ? 8   C   B N4    1 
ATOM   639 C C5    . C   B 2 8  ? -8.890  3.196   6.369   1.00 55.64  ? 8   C   B C5    1 
ATOM   640 C C6    . C   B 2 8  ? -9.992  2.847   5.696   1.00 71.20  ? 8   C   B C6    1 
ATOM   641 P P     . U   B 2 9  ? -15.339 3.016   7.554   1.00 84.86  ? 9   U   B P     1 
ATOM   642 O OP1   . U   B 2 9  ? -16.675 3.628   7.373   1.00 103.94 ? 9   U   B OP1   1 
ATOM   643 O OP2   . U   B 2 9  ? -14.270 3.784   8.261   1.00 74.41  ? 9   U   B OP2   1 
ATOM   644 O "O5'" . U   B 2 9  ? -15.538 1.621   8.285   1.00 90.20  ? 9   U   B "O5'" 1 
ATOM   645 C "C5'" . U   B 2 9  ? -14.455 1.204   9.062   1.00 79.25  ? 9   U   B "C5'" 1 
ATOM   646 C "C4'" . U   B 2 9  ? -14.589 -0.186  9.596   1.00 82.03  ? 9   U   B "C4'" 1 
ATOM   647 O "O4'" . U   B 2 9  ? -13.432 -0.933  9.134   1.00 89.20  ? 9   U   B "O4'" 1 
ATOM   648 C "C3'" . U   B 2 9  ? -14.513 -0.193  11.122  1.00 91.16  ? 9   U   B "C3'" 1 
ATOM   649 O "O3'" . U   B 2 9  ? -15.788 -0.293  11.734  1.00 91.47  ? 9   U   B "O3'" 1 
ATOM   650 C "C2'" . U   B 2 9  ? -13.486 -1.266  11.449  1.00 82.78  ? 9   U   B "C2'" 1 
ATOM   651 O "O2'" . U   B 2 9  ? -14.124 -2.503  11.646  1.00 87.61  ? 9   U   B "O2'" 1 
ATOM   652 C "C1'" . U   B 2 9  ? -12.565 -1.174  10.234  1.00 92.98  ? 9   U   B "C1'" 1 
ATOM   653 N N1    . U   B 2 9  ? -11.531 -0.114  10.322  1.00 82.58  ? 9   U   B N1    1 
ATOM   654 C C2    . U   B 2 9  ? -10.444 -0.382  11.134  1.00 72.97  ? 9   U   B C2    1 
ATOM   655 O O2    . U   B 2 9  ? -10.345 -1.405  11.784  1.00 86.06  ? 9   U   B O2    1 
ATOM   656 N N3    . U   B 2 9  ? -9.485  0.601   11.164  1.00 65.87  ? 9   U   B N3    1 
ATOM   657 C C4    . U   B 2 9  ? -9.515  1.819   10.506  1.00 73.17  ? 9   U   B C4    1 
ATOM   658 O O4    . U   B 2 9  ? -8.597  2.623   10.669  1.00 73.57  ? 9   U   B O4    1 
ATOM   659 C C5    . U   B 2 9  ? -10.676 2.029   9.703   1.00 74.64  ? 9   U   B C5    1 
ATOM   660 C C6    . U   B 2 9  ? -11.608 1.073   9.621   1.00 77.20  ? 9   U   B C6    1 
ATOM   661 P P     . G   B 2 10 ? -16.095 0.660   12.963  1.00 89.52  ? 10  G   B P     1 
ATOM   662 O OP1   . G   B 2 10 ? -17.495 0.401   13.380  1.00 90.06  ? 10  G   B OP1   1 
ATOM   663 O OP2   . G   B 2 10 ? -15.663 2.037   12.608  1.00 90.87  ? 10  G   B OP2   1 
ATOM   664 O "O5'" . G   B 2 10 ? -15.037 0.163   14.042  1.00 81.27  ? 10  G   B "O5'" 1 
ATOM   665 C "C5'" . G   B 2 10 ? -15.232 -1.135  14.617  1.00 88.95  ? 10  G   B "C5'" 1 
ATOM   666 C "C4'" . G   B 2 10 ? -14.098 -1.476  15.535  1.00 90.23  ? 10  G   B "C4'" 1 
ATOM   667 O "O4'" . G   B 2 10 ? -12.864 -1.557  14.789  1.00 88.63  ? 10  G   B "O4'" 1 
ATOM   668 C "C3'" . G   B 2 10 ? -13.810 -0.461  16.621  1.00 84.88  ? 10  G   B "C3'" 1 
ATOM   669 O "O3'" . G   B 2 10 ? -14.788 -0.658  17.638  1.00 90.57  ? 10  G   B "O3'" 1 
ATOM   670 C "C2'" . G   B 2 10 ? -12.375 -0.810  16.982  1.00 85.72  ? 10  G   B "C2'" 1 
ATOM   671 O "O2'" . G   B 2 10 ? -12.196 -1.924  17.823  1.00 91.69  ? 10  G   B "O2'" 1 
ATOM   672 C "C1'" . G   B 2 10 ? -11.796 -1.142  15.610  1.00 85.39  ? 10  G   B "C1'" 1 
ATOM   673 N N9    . G   B 2 10 ? -11.202 0.036   15.008  1.00 84.29  ? 10  G   B N9    1 
ATOM   674 C C8    . G   B 2 10 ? -11.783 0.899   14.110  1.00 80.22  ? 10  G   B C8    1 
ATOM   675 N N7    . G   B 2 10 ? -11.000 1.885   13.773  1.00 80.53  ? 10  G   B N7    1 
ATOM   676 C C5    . G   B 2 10 ? -9.845  1.678   14.515  1.00 80.13  ? 10  G   B C5    1 
ATOM   677 C C6    . G   B 2 10 ? -8.632  2.414   14.557  1.00 79.53  ? 10  G   B C6    1 
ATOM   678 O O6    . G   B 2 10 ? -8.330  3.434   13.934  1.00 79.86  ? 10  G   B O6    1 
ATOM   679 N N1    . G   B 2 10 ? -7.718  1.849   15.441  1.00 77.90  ? 10  G   B N1    1 
ATOM   680 C C2    . G   B 2 10 ? -7.934  0.709   16.173  1.00 75.23  ? 10  G   B C2    1 
ATOM   681 N N2    . G   B 2 10 ? -6.930  0.326   16.976  1.00 88.76  ? 10  G   B N2    1 
ATOM   682 N N3    . G   B 2 10 ? -9.055  0.006   16.133  1.00 75.69  ? 10  G   B N3    1 
ATOM   683 C C4    . G   B 2 10 ? -9.959  0.543   15.289  1.00 76.38  ? 10  G   B C4    1 
ATOM   684 P P     . C   B 2 11 ? -14.946 0.404   18.812  1.00 94.96  ? 11  C   B P     1 
ATOM   685 O OP1   . C   B 2 11 ? -15.791 -0.203  19.870  1.00 99.26  ? 11  C   B OP1   1 
ATOM   686 O OP2   . C   B 2 11 ? -15.333 1.700   18.218  1.00 76.98  ? 11  C   B OP2   1 
ATOM   687 O "O5'" . C   B 2 11 ? -13.462 0.529   19.372  1.00 79.93  ? 11  C   B "O5'" 1 
ATOM   688 C "C5'" . C   B 2 11 ? -13.090 -0.249  20.516  1.00 93.86  ? 11  C   B "C5'" 1 
ATOM   689 C "C4'" . C   B 2 11 ? -11.652 -0.009  20.903  1.00 92.57  ? 11  C   B "C4'" 1 
ATOM   690 O "O4'" . C   B 2 11 ? -10.796 -0.013  19.730  1.00 95.12  ? 11  C   B "O4'" 1 
ATOM   691 C "C3'" . C   B 2 11 ? -11.344 1.323   21.563  1.00 92.63  ? 11  C   B "C3'" 1 
ATOM   692 O "O3'" . C   B 2 11 ? -11.812 1.391   22.905  1.00 89.03  ? 11  C   B "O3'" 1 
ATOM   693 C "C2'" . C   B 2 11 ? -9.833  1.392   21.371  1.00 97.02  ? 11  C   B "C2'" 1 
ATOM   694 O "O2'" . C   B 2 11 ? -9.010  0.568   22.176  1.00 95.00  ? 11  C   B "O2'" 1 
ATOM   695 C "C1'" . C   B 2 11 ? -9.717  0.883   19.937  1.00 98.28  ? 11  C   B "C1'" 1 
ATOM   696 N N1    . C   B 2 11 ? -9.791  1.980   18.956  1.00 89.58  ? 11  C   B N1    1 
ATOM   697 C C2    . C   B 2 11 ? -8.612  2.670   18.666  1.00 92.30  ? 11  C   B C2    1 
ATOM   698 O O2    . C   B 2 11 ? -7.559  2.314   19.222  1.00 89.07  ? 11  C   B O2    1 
ATOM   699 N N3    . C   B 2 11 ? -8.644  3.694   17.780  1.00 87.92  ? 11  C   B N3    1 
ATOM   700 C C4    . C   B 2 11 ? -9.798  4.037   17.198  1.00 73.91  ? 11  C   B C4    1 
ATOM   701 N N4    . C   B 2 11 ? -9.775  5.031   16.309  1.00 59.93  ? 11  C   B N4    1 
ATOM   702 C C5    . C   B 2 11 ? -11.018 3.358   17.483  1.00 78.75  ? 11  C   B C5    1 
ATOM   703 C C6    . C   B 2 11 ? -10.971 2.351   18.365  1.00 83.77  ? 11  C   B C6    1 
ATOM   704 P P     . U   B 2 12 ? -12.217 2.808   23.563  1.00 92.81  ? 12  U   B P     1 
ATOM   705 O OP1   . U   B 2 12 ? -12.331 2.634   25.048  1.00 101.81 ? 12  U   B OP1   1 
ATOM   706 O OP2   . U   B 2 12 ? -13.389 3.325   22.813  1.00 97.73  ? 12  U   B OP2   1 
ATOM   707 O "O5'" . U   B 2 12 ? -10.928 3.710   23.306  1.00 88.55  ? 12  U   B "O5'" 1 
ATOM   708 C "C5'" . U   B 2 12 ? -9.714  3.524   24.058  1.00 91.81  ? 12  U   B "C5'" 1 
ATOM   709 C "C4'" . U   B 2 12 ? -8.734  4.652   23.812  1.00 95.28  ? 12  U   B "C4'" 1 
ATOM   710 O "O4'" . U   B 2 12 ? -8.346  4.708   22.411  1.00 96.49  ? 12  U   B "O4'" 1 
ATOM   711 C "C3'" . U   B 2 12 ? -9.231  6.051   24.144  1.00 96.25  ? 12  U   B "C3'" 1 
ATOM   712 O "O3'" . U   B 2 12 ? -9.100  6.221   25.560  1.00 101.60 ? 12  U   B "O3'" 1 
ATOM   713 C "C2'" . U   B 2 12 ? -8.320  6.911   23.270  1.00 99.47  ? 12  U   B "C2'" 1 
ATOM   714 O "O2'" . U   B 2 12 ? -6.996  7.013   23.767  1.00 94.48  ? 12  U   B "O2'" 1 
ATOM   715 C "C1'" . U   B 2 12 ? -8.251  6.072   21.992  1.00 94.73  ? 12  U   B "C1'" 1 
ATOM   716 N N1    . U   B 2 12 ? -9.270  6.328   20.947  1.00 77.78  ? 12  U   B N1    1 
ATOM   717 C C2    . U   B 2 12 ? -8.973  7.232   19.940  1.00 80.00  ? 12  U   B C2    1 
ATOM   718 O O2    . U   B 2 12 ? -7.939  7.884   19.915  1.00 73.41  ? 12  U   B O2    1 
ATOM   719 N N3    . U   B 2 12 ? -9.948  7.362   18.975  1.00 81.53  ? 12  U   B N3    1 
ATOM   720 C C4    . U   B 2 12 ? -11.154 6.692   18.908  1.00 83.82  ? 12  U   B C4    1 
ATOM   721 O O4    . U   B 2 12 ? -11.928 6.917   17.975  1.00 74.07  ? 12  U   B O4    1 
ATOM   722 C C5    . U   B 2 12 ? -11.374 5.763   19.969  1.00 89.02  ? 12  U   B C5    1 
ATOM   723 C C6    . U   B 2 12 ? -10.444 5.607   20.921  1.00 82.61  ? 12  U   B C6    1 
ATOM   724 P P     . G   B 2 13 ? -10.056 7.242   26.402  1.00 100.38 ? 13  G   B P     1 
ATOM   725 O OP1   . G   B 2 13 ? -9.848  6.960   27.838  1.00 107.16 ? 13  G   B OP1   1 
ATOM   726 O OP2   . G   B 2 13 ? -11.442 7.206   25.849  1.00 93.87  ? 13  G   B OP2   1 
ATOM   727 O "O5'" . G   B 2 13 ? -9.397  8.658   26.101  1.00 99.92  ? 13  G   B "O5'" 1 
ATOM   728 C "C5'" . G   B 2 13 ? -8.020  8.929   26.447  1.00 101.67 ? 13  G   B "C5'" 1 
ATOM   729 C "C4'" . G   B 2 13 ? -7.578  10.229  25.815  1.00 103.02 ? 13  G   B "C4'" 1 
ATOM   730 O "O4'" . G   B 2 13 ? -7.964  10.210  24.417  1.00 86.35  ? 13  G   B "O4'" 1 
ATOM   731 C "C3'" . G   B 2 13 ? -8.211  11.501  26.377  1.00 104.86 ? 13  G   B "C3'" 1 
ATOM   732 O "O3'" . G   B 2 13 ? -7.381  12.630  26.118  1.00 104.72 ? 13  G   B "O3'" 1 
ATOM   733 C "C2'" . G   B 2 13 ? -9.470  11.631  25.538  1.00 98.56  ? 13  G   B "C2'" 1 
ATOM   734 O "O2'" . G   B 2 13 ? -9.974  12.952  25.548  1.00 90.91  ? 13  G   B "O2'" 1 
ATOM   735 C "C1'" . G   B 2 13 ? -8.919  11.214  24.179  1.00 84.91  ? 13  G   B "C1'" 1 
ATOM   736 N N9    . G   B 2 13 ? -9.858  10.695  23.203  1.00 76.26  ? 13  G   B N9    1 
ATOM   737 C C8    . G   B 2 13 ? -10.843 9.747   23.361  1.00 78.56  ? 13  G   B C8    1 
ATOM   738 N N7    . G   B 2 13 ? -11.475 9.480   22.250  1.00 78.20  ? 13  G   B N7    1 
ATOM   739 C C5    . G   B 2 13 ? -10.852 10.281  21.301  1.00 71.70  ? 13  G   B C5    1 
ATOM   740 C C6    . G   B 2 13 ? -11.117 10.442  19.915  1.00 73.04  ? 13  G   B C6    1 
ATOM   741 O O6    . G   B 2 13 ? -11.963 9.859   19.220  1.00 57.56  ? 13  G   B O6    1 
ATOM   742 N N1    . G   B 2 13 ? -10.263 11.383  19.336  1.00 58.91  ? 13  G   B N1    1 
ATOM   743 C C2    . G   B 2 13 ? -9.283  12.078  20.009  1.00 69.02  ? 13  G   B C2    1 
ATOM   744 N N2    . G   B 2 13 ? -8.537  12.927  19.288  1.00 65.66  ? 13  G   B N2    1 
ATOM   745 N N3    . G   B 2 13 ? -9.032  11.934  21.297  1.00 70.73  ? 13  G   B N3    1 
ATOM   746 C C4    . G   B 2 13 ? -9.847  11.028  21.875  1.00 67.04  ? 13  G   B C4    1 
HETATM 747 O O     . HOH C 3 .  ? 15.839  6.287   -8.049  1.00 63.23  ? 101 HOH A O     1 
HETATM 748 O O     . HOH C 3 .  ? -1.597  -10.336 -21.914 1.00 68.42  ? 102 HOH A O     1 
HETATM 749 O O     . HOH C 3 .  ? 15.509  -3.902  -17.163 1.00 69.02  ? 103 HOH A O     1 
HETATM 750 O O     . HOH C 3 .  ? -1.023  0.397   8.903   1.00 71.00  ? 104 HOH A O     1 
HETATM 751 O O     . HOH D 3 .  ? -15.441 7.017   18.361  1.00 74.89  ? 101 HOH B O     1 
HETATM 752 O O     . HOH D 3 .  ? -9.218  6.599   12.001  1.00 58.23  ? 102 HOH B O     1 
# 
loop_
_pdbx_poly_seq_scheme.asym_id 
_pdbx_poly_seq_scheme.entity_id 
_pdbx_poly_seq_scheme.seq_id 
_pdbx_poly_seq_scheme.mon_id 
_pdbx_poly_seq_scheme.ndb_seq_num 
_pdbx_poly_seq_scheme.pdb_seq_num 
_pdbx_poly_seq_scheme.auth_seq_num 
_pdbx_poly_seq_scheme.pdb_mon_id 
_pdbx_poly_seq_scheme.auth_mon_id 
_pdbx_poly_seq_scheme.pdb_strand_id 
_pdbx_poly_seq_scheme.pdb_ins_code 
_pdbx_poly_seq_scheme.hetero 
A 1 1  C 1  1  1  C C A . n 
A 1 2  U 2  2  2  U U A . n 
A 1 3  G 3  3  3  G G A . n 
A 1 4  C 4  4  4  C C A . n 
A 1 5  U 5  5  5  U U A . n 
A 1 6  G 6  6  6  G G A . n 
A 1 7  G 7  7  7  G G A . n 
A 1 8  C 8  8  8  C C A . n 
A 1 9  U 9  9  9  U U A . n 
A 1 10 A 10 10 10 A A A . n 
A 1 11 A 11 11 11 A A A . n 
A 1 12 G 12 12 12 G G A . n 
A 1 13 G 13 13 13 G G A . n 
A 1 14 C 14 14 14 C C A . n 
A 1 15 C 15 15 15 C C A . n 
A 1 16 C 16 16 16 C C A . n 
A 1 17 G 17 17 17 G G A . n 
A 1 18 A 18 18 18 A A A . n 
A 1 19 A 19 19 19 A A A . n 
A 1 20 A 20 20 20 A A A . n 
A 1 21 G 21 21 21 G G A . n 
A 1 22 G 22 22 22 G G A . n 
B 2 1  G 1  1  1  G G B . n 
B 2 2  C 2  2  2  C C B . n 
B 2 3  U 3  3  3  U U B . n 
B 2 4  A 4  4  4  A A B . n 
B 2 5  U 5  5  5  U U B . n 
B 2 6  G 6  6  6  G G B . n 
B 2 7  C 7  7  7  C C B . n 
B 2 8  C 8  8  8  C C B . n 
B 2 9  U 9  9  9  U U B . n 
B 2 10 G 10 10 10 G G B . n 
B 2 11 C 11 11 11 C C B . n 
B 2 12 U 12 12 12 U U B . n 
B 2 13 G 13 13 13 G G B . n 
# 
loop_
_pdbx_nonpoly_scheme.asym_id 
_pdbx_nonpoly_scheme.entity_id 
_pdbx_nonpoly_scheme.mon_id 
_pdbx_nonpoly_scheme.ndb_seq_num 
_pdbx_nonpoly_scheme.pdb_seq_num 
_pdbx_nonpoly_scheme.auth_seq_num 
_pdbx_nonpoly_scheme.pdb_mon_id 
_pdbx_nonpoly_scheme.auth_mon_id 
_pdbx_nonpoly_scheme.pdb_strand_id 
_pdbx_nonpoly_scheme.pdb_ins_code 
C 3 HOH 1 101 5 HOH HOH A . 
C 3 HOH 2 102 4 HOH HOH A . 
C 3 HOH 3 103 3 HOH HOH A . 
C 3 HOH 4 104 1 HOH HOH A . 
D 3 HOH 1 101 6 HOH HOH B . 
D 3 HOH 2 102 2 HOH HOH B . 
# 
_pdbx_struct_assembly.id                   1 
_pdbx_struct_assembly.details              author_and_software_defined_assembly 
_pdbx_struct_assembly.method_details       PISA 
_pdbx_struct_assembly.oligomeric_details   dimeric 
_pdbx_struct_assembly.oligomeric_count     2 
# 
_pdbx_struct_assembly_gen.assembly_id       1 
_pdbx_struct_assembly_gen.oper_expression   1 
_pdbx_struct_assembly_gen.asym_id_list      A,B,C,D 
# 
loop_
_pdbx_struct_assembly_prop.biol_id 
_pdbx_struct_assembly_prop.type 
_pdbx_struct_assembly_prop.value 
_pdbx_struct_assembly_prop.details 
1 'ABSA (A^2)' 1670 ? 
1 MORE         -8   ? 
1 'SSA (A^2)'  6210 ? 
# 
_pdbx_struct_oper_list.id                   1 
_pdbx_struct_oper_list.type                 'identity operation' 
_pdbx_struct_oper_list.name                 1_555 
_pdbx_struct_oper_list.symmetry_operation   x,y,z 
_pdbx_struct_oper_list.matrix[1][1]         1.0000000000 
_pdbx_struct_oper_list.matrix[1][2]         0.0000000000 
_pdbx_struct_oper_list.matrix[1][3]         0.0000000000 
_pdbx_struct_oper_list.vector[1]            0.0000000000 
_pdbx_struct_oper_list.matrix[2][1]         0.0000000000 
_pdbx_struct_oper_list.matrix[2][2]         1.0000000000 
_pdbx_struct_oper_list.matrix[2][3]         0.0000000000 
_pdbx_struct_oper_list.vector[2]            0.0000000000 
_pdbx_struct_oper_list.matrix[3][1]         0.0000000000 
_pdbx_struct_oper_list.matrix[3][2]         0.0000000000 
_pdbx_struct_oper_list.matrix[3][3]         1.0000000000 
_pdbx_struct_oper_list.vector[3]            0.0000000000 
# 
loop_
_pdbx_audit_revision_history.ordinal 
_pdbx_audit_revision_history.data_content_type 
_pdbx_audit_revision_history.major_revision 
_pdbx_audit_revision_history.minor_revision 
_pdbx_audit_revision_history.revision_date 
1 'Structure model' 1 0 2018-02-21 
2 'Structure model' 1 1 2018-03-14 
3 'Structure model' 1 2 2023-10-04 
# 
_pdbx_audit_revision_details.ordinal             1 
_pdbx_audit_revision_details.revision_ordinal    1 
_pdbx_audit_revision_details.data_content_type   'Structure model' 
_pdbx_audit_revision_details.provider            repository 
_pdbx_audit_revision_details.type                'Initial release' 
_pdbx_audit_revision_details.description         ? 
_pdbx_audit_revision_details.details             ? 
# 
loop_
_pdbx_audit_revision_group.ordinal 
_pdbx_audit_revision_group.revision_ordinal 
_pdbx_audit_revision_group.data_content_type 
_pdbx_audit_revision_group.group 
1 2 'Structure model' 'Database references'    
2 3 'Structure model' 'Data collection'        
3 3 'Structure model' 'Database references'    
4 3 'Structure model' 'Refinement description' 
# 
loop_
_pdbx_audit_revision_category.ordinal 
_pdbx_audit_revision_category.revision_ordinal 
_pdbx_audit_revision_category.data_content_type 
_pdbx_audit_revision_category.category 
1 2 'Structure model' citation                      
2 3 'Structure model' chem_comp_atom                
3 3 'Structure model' chem_comp_bond                
4 3 'Structure model' database_2                    
5 3 'Structure model' pdbx_initial_refinement_model 
# 
loop_
_pdbx_audit_revision_item.ordinal 
_pdbx_audit_revision_item.revision_ordinal 
_pdbx_audit_revision_item.data_content_type 
_pdbx_audit_revision_item.item 
1 2 'Structure model' '_citation.journal_volume'            
2 2 'Structure model' '_citation.page_first'                
3 2 'Structure model' '_citation.page_last'                 
4 2 'Structure model' '_citation.title'                     
5 3 'Structure model' '_database_2.pdbx_DOI'                
6 3 'Structure model' '_database_2.pdbx_database_accession' 
# 
loop_
_software.citation_id 
_software.classification 
_software.compiler_name 
_software.compiler_version 
_software.contact_author 
_software.contact_author_email 
_software.date 
_software.description 
_software.dependencies 
_software.hardware 
_software.language 
_software.location 
_software.mods 
_software.name 
_software.os 
_software.os_version 
_software.type 
_software.version 
_software.pdbx_ordinal 
? refinement       ? ? ? ? ? ? ? ? ? ? ? REFMAC   ? ? ? 5.8.0135 1 
? 'data reduction' ? ? ? ? ? ? ? ? ? ? ? HKL-2000 ? ? ? .        2 
? 'data scaling'   ? ? ? ? ? ? ? ? ? ? ? HKL-2000 ? ? ? .        3 
? phasing          ? ? ? ? ? ? ? ? ? ? ? PHASER   ? ? ? .        4 
# 
_pdbx_validate_rmsd_bond.id                        1 
_pdbx_validate_rmsd_bond.PDB_model_num             1 
_pdbx_validate_rmsd_bond.auth_atom_id_1            P 
_pdbx_validate_rmsd_bond.auth_asym_id_1            B 
_pdbx_validate_rmsd_bond.auth_comp_id_1            G 
_pdbx_validate_rmsd_bond.auth_seq_id_1             1 
_pdbx_validate_rmsd_bond.PDB_ins_code_1            ? 
_pdbx_validate_rmsd_bond.label_alt_id_1            ? 
_pdbx_validate_rmsd_bond.auth_atom_id_2            OP3 
_pdbx_validate_rmsd_bond.auth_asym_id_2            B 
_pdbx_validate_rmsd_bond.auth_comp_id_2            G 
_pdbx_validate_rmsd_bond.auth_seq_id_2             1 
_pdbx_validate_rmsd_bond.PDB_ins_code_2            ? 
_pdbx_validate_rmsd_bond.label_alt_id_2            ? 
_pdbx_validate_rmsd_bond.bond_value                1.491 
_pdbx_validate_rmsd_bond.bond_target_value         1.607 
_pdbx_validate_rmsd_bond.bond_deviation            -0.116 
_pdbx_validate_rmsd_bond.bond_standard_deviation   0.012 
_pdbx_validate_rmsd_bond.linker_flag               N 
# 
loop_
_pdbx_validate_rmsd_angle.id 
_pdbx_validate_rmsd_angle.PDB_model_num 
_pdbx_validate_rmsd_angle.auth_atom_id_1 
_pdbx_validate_rmsd_angle.auth_asym_id_1 
_pdbx_validate_rmsd_angle.auth_comp_id_1 
_pdbx_validate_rmsd_angle.auth_seq_id_1 
_pdbx_validate_rmsd_angle.PDB_ins_code_1 
_pdbx_validate_rmsd_angle.label_alt_id_1 
_pdbx_validate_rmsd_angle.auth_atom_id_2 
_pdbx_validate_rmsd_angle.auth_asym_id_2 
_pdbx_validate_rmsd_angle.auth_comp_id_2 
_pdbx_validate_rmsd_angle.auth_seq_id_2 
_pdbx_validate_rmsd_angle.PDB_ins_code_2 
_pdbx_validate_rmsd_angle.label_alt_id_2 
_pdbx_validate_rmsd_angle.auth_atom_id_3 
_pdbx_validate_rmsd_angle.auth_asym_id_3 
_pdbx_validate_rmsd_angle.auth_comp_id_3 
_pdbx_validate_rmsd_angle.auth_seq_id_3 
_pdbx_validate_rmsd_angle.PDB_ins_code_3 
_pdbx_validate_rmsd_angle.label_alt_id_3 
_pdbx_validate_rmsd_angle.angle_value 
_pdbx_validate_rmsd_angle.angle_target_value 
_pdbx_validate_rmsd_angle.angle_deviation 
_pdbx_validate_rmsd_angle.angle_standard_deviation 
_pdbx_validate_rmsd_angle.linker_flag 
1 1 "O5'" A C 14 ? ? P A C 14 ? ? OP2 A C 14 ? ? 99.15 105.70 -6.55 0.90 N 
2 1 "O5'" A G 21 ? ? P A G 21 ? ? OP2 A G 21 ? ? 99.53 105.70 -6.17 0.90 N 
# 
loop_
_chem_comp_atom.comp_id 
_chem_comp_atom.atom_id 
_chem_comp_atom.type_symbol 
_chem_comp_atom.pdbx_aromatic_flag 
_chem_comp_atom.pdbx_stereo_config 
_chem_comp_atom.pdbx_ordinal 
A   OP3    O N N 1   
A   P      P N N 2   
A   OP1    O N N 3   
A   OP2    O N N 4   
A   "O5'"  O N N 5   
A   "C5'"  C N N 6   
A   "C4'"  C N R 7   
A   "O4'"  O N N 8   
A   "C3'"  C N S 9   
A   "O3'"  O N N 10  
A   "C2'"  C N R 11  
A   "O2'"  O N N 12  
A   "C1'"  C N R 13  
A   N9     N Y N 14  
A   C8     C Y N 15  
A   N7     N Y N 16  
A   C5     C Y N 17  
A   C6     C Y N 18  
A   N6     N N N 19  
A   N1     N Y N 20  
A   C2     C Y N 21  
A   N3     N Y N 22  
A   C4     C Y N 23  
A   HOP3   H N N 24  
A   HOP2   H N N 25  
A   "H5'"  H N N 26  
A   "H5''" H N N 27  
A   "H4'"  H N N 28  
A   "H3'"  H N N 29  
A   "HO3'" H N N 30  
A   "H2'"  H N N 31  
A   "HO2'" H N N 32  
A   "H1'"  H N N 33  
A   H8     H N N 34  
A   H61    H N N 35  
A   H62    H N N 36  
A   H2     H N N 37  
C   OP3    O N N 38  
C   P      P N N 39  
C   OP1    O N N 40  
C   OP2    O N N 41  
C   "O5'"  O N N 42  
C   "C5'"  C N N 43  
C   "C4'"  C N R 44  
C   "O4'"  O N N 45  
C   "C3'"  C N S 46  
C   "O3'"  O N N 47  
C   "C2'"  C N R 48  
C   "O2'"  O N N 49  
C   "C1'"  C N R 50  
C   N1     N N N 51  
C   C2     C N N 52  
C   O2     O N N 53  
C   N3     N N N 54  
C   C4     C N N 55  
C   N4     N N N 56  
C   C5     C N N 57  
C   C6     C N N 58  
C   HOP3   H N N 59  
C   HOP2   H N N 60  
C   "H5'"  H N N 61  
C   "H5''" H N N 62  
C   "H4'"  H N N 63  
C   "H3'"  H N N 64  
C   "HO3'" H N N 65  
C   "H2'"  H N N 66  
C   "HO2'" H N N 67  
C   "H1'"  H N N 68  
C   H41    H N N 69  
C   H42    H N N 70  
C   H5     H N N 71  
C   H6     H N N 72  
G   OP3    O N N 73  
G   P      P N N 74  
G   OP1    O N N 75  
G   OP2    O N N 76  
G   "O5'"  O N N 77  
G   "C5'"  C N N 78  
G   "C4'"  C N R 79  
G   "O4'"  O N N 80  
G   "C3'"  C N S 81  
G   "O3'"  O N N 82  
G   "C2'"  C N R 83  
G   "O2'"  O N N 84  
G   "C1'"  C N R 85  
G   N9     N Y N 86  
G   C8     C Y N 87  
G   N7     N Y N 88  
G   C5     C Y N 89  
G   C6     C N N 90  
G   O6     O N N 91  
G   N1     N N N 92  
G   C2     C N N 93  
G   N2     N N N 94  
G   N3     N N N 95  
G   C4     C Y N 96  
G   HOP3   H N N 97  
G   HOP2   H N N 98  
G   "H5'"  H N N 99  
G   "H5''" H N N 100 
G   "H4'"  H N N 101 
G   "H3'"  H N N 102 
G   "HO3'" H N N 103 
G   "H2'"  H N N 104 
G   "HO2'" H N N 105 
G   "H1'"  H N N 106 
G   H8     H N N 107 
G   H1     H N N 108 
G   H21    H N N 109 
G   H22    H N N 110 
HOH O      O N N 111 
HOH H1     H N N 112 
HOH H2     H N N 113 
U   OP3    O N N 114 
U   P      P N N 115 
U   OP1    O N N 116 
U   OP2    O N N 117 
U   "O5'"  O N N 118 
U   "C5'"  C N N 119 
U   "C4'"  C N R 120 
U   "O4'"  O N N 121 
U   "C3'"  C N S 122 
U   "O3'"  O N N 123 
U   "C2'"  C N R 124 
U   "O2'"  O N N 125 
U   "C1'"  C N R 126 
U   N1     N N N 127 
U   C2     C N N 128 
U   O2     O N N 129 
U   N3     N N N 130 
U   C4     C N N 131 
U   O4     O N N 132 
U   C5     C N N 133 
U   C6     C N N 134 
U   HOP3   H N N 135 
U   HOP2   H N N 136 
U   "H5'"  H N N 137 
U   "H5''" H N N 138 
U   "H4'"  H N N 139 
U   "H3'"  H N N 140 
U   "HO3'" H N N 141 
U   "H2'"  H N N 142 
U   "HO2'" H N N 143 
U   "H1'"  H N N 144 
U   H3     H N N 145 
U   H5     H N N 146 
U   H6     H N N 147 
# 
loop_
_chem_comp_bond.comp_id 
_chem_comp_bond.atom_id_1 
_chem_comp_bond.atom_id_2 
_chem_comp_bond.value_order 
_chem_comp_bond.pdbx_aromatic_flag 
_chem_comp_bond.pdbx_stereo_config 
_chem_comp_bond.pdbx_ordinal 
A   OP3   P      sing N N 1   
A   OP3   HOP3   sing N N 2   
A   P     OP1    doub N N 3   
A   P     OP2    sing N N 4   
A   P     "O5'"  sing N N 5   
A   OP2   HOP2   sing N N 6   
A   "O5'" "C5'"  sing N N 7   
A   "C5'" "C4'"  sing N N 8   
A   "C5'" "H5'"  sing N N 9   
A   "C5'" "H5''" sing N N 10  
A   "C4'" "O4'"  sing N N 11  
A   "C4'" "C3'"  sing N N 12  
A   "C4'" "H4'"  sing N N 13  
A   "O4'" "C1'"  sing N N 14  
A   "C3'" "O3'"  sing N N 15  
A   "C3'" "C2'"  sing N N 16  
A   "C3'" "H3'"  sing N N 17  
A   "O3'" "HO3'" sing N N 18  
A   "C2'" "O2'"  sing N N 19  
A   "C2'" "C1'"  sing N N 20  
A   "C2'" "H2'"  sing N N 21  
A   "O2'" "HO2'" sing N N 22  
A   "C1'" N9     sing N N 23  
A   "C1'" "H1'"  sing N N 24  
A   N9    C8     sing Y N 25  
A   N9    C4     sing Y N 26  
A   C8    N7     doub Y N 27  
A   C8    H8     sing N N 28  
A   N7    C5     sing Y N 29  
A   C5    C6     sing Y N 30  
A   C5    C4     doub Y N 31  
A   C6    N6     sing N N 32  
A   C6    N1     doub Y N 33  
A   N6    H61    sing N N 34  
A   N6    H62    sing N N 35  
A   N1    C2     sing Y N 36  
A   C2    N3     doub Y N 37  
A   C2    H2     sing N N 38  
A   N3    C4     sing Y N 39  
C   OP3   P      sing N N 40  
C   OP3   HOP3   sing N N 41  
C   P     OP1    doub N N 42  
C   P     OP2    sing N N 43  
C   P     "O5'"  sing N N 44  
C   OP2   HOP2   sing N N 45  
C   "O5'" "C5'"  sing N N 46  
C   "C5'" "C4'"  sing N N 47  
C   "C5'" "H5'"  sing N N 48  
C   "C5'" "H5''" sing N N 49  
C   "C4'" "O4'"  sing N N 50  
C   "C4'" "C3'"  sing N N 51  
C   "C4'" "H4'"  sing N N 52  
C   "O4'" "C1'"  sing N N 53  
C   "C3'" "O3'"  sing N N 54  
C   "C3'" "C2'"  sing N N 55  
C   "C3'" "H3'"  sing N N 56  
C   "O3'" "HO3'" sing N N 57  
C   "C2'" "O2'"  sing N N 58  
C   "C2'" "C1'"  sing N N 59  
C   "C2'" "H2'"  sing N N 60  
C   "O2'" "HO2'" sing N N 61  
C   "C1'" N1     sing N N 62  
C   "C1'" "H1'"  sing N N 63  
C   N1    C2     sing N N 64  
C   N1    C6     sing N N 65  
C   C2    O2     doub N N 66  
C   C2    N3     sing N N 67  
C   N3    C4     doub N N 68  
C   C4    N4     sing N N 69  
C   C4    C5     sing N N 70  
C   N4    H41    sing N N 71  
C   N4    H42    sing N N 72  
C   C5    C6     doub N N 73  
C   C5    H5     sing N N 74  
C   C6    H6     sing N N 75  
G   OP3   P      sing N N 76  
G   OP3   HOP3   sing N N 77  
G   P     OP1    doub N N 78  
G   P     OP2    sing N N 79  
G   P     "O5'"  sing N N 80  
G   OP2   HOP2   sing N N 81  
G   "O5'" "C5'"  sing N N 82  
G   "C5'" "C4'"  sing N N 83  
G   "C5'" "H5'"  sing N N 84  
G   "C5'" "H5''" sing N N 85  
G   "C4'" "O4'"  sing N N 86  
G   "C4'" "C3'"  sing N N 87  
G   "C4'" "H4'"  sing N N 88  
G   "O4'" "C1'"  sing N N 89  
G   "C3'" "O3'"  sing N N 90  
G   "C3'" "C2'"  sing N N 91  
G   "C3'" "H3'"  sing N N 92  
G   "O3'" "HO3'" sing N N 93  
G   "C2'" "O2'"  sing N N 94  
G   "C2'" "C1'"  sing N N 95  
G   "C2'" "H2'"  sing N N 96  
G   "O2'" "HO2'" sing N N 97  
G   "C1'" N9     sing N N 98  
G   "C1'" "H1'"  sing N N 99  
G   N9    C8     sing Y N 100 
G   N9    C4     sing Y N 101 
G   C8    N7     doub Y N 102 
G   C8    H8     sing N N 103 
G   N7    C5     sing Y N 104 
G   C5    C6     sing N N 105 
G   C5    C4     doub Y N 106 
G   C6    O6     doub N N 107 
G   C6    N1     sing N N 108 
G   N1    C2     sing N N 109 
G   N1    H1     sing N N 110 
G   C2    N2     sing N N 111 
G   C2    N3     doub N N 112 
G   N2    H21    sing N N 113 
G   N2    H22    sing N N 114 
G   N3    C4     sing N N 115 
HOH O     H1     sing N N 116 
HOH O     H2     sing N N 117 
U   OP3   P      sing N N 118 
U   OP3   HOP3   sing N N 119 
U   P     OP1    doub N N 120 
U   P     OP2    sing N N 121 
U   P     "O5'"  sing N N 122 
U   OP2   HOP2   sing N N 123 
U   "O5'" "C5'"  sing N N 124 
U   "C5'" "C4'"  sing N N 125 
U   "C5'" "H5'"  sing N N 126 
U   "C5'" "H5''" sing N N 127 
U   "C4'" "O4'"  sing N N 128 
U   "C4'" "C3'"  sing N N 129 
U   "C4'" "H4'"  sing N N 130 
U   "O4'" "C1'"  sing N N 131 
U   "C3'" "O3'"  sing N N 132 
U   "C3'" "C2'"  sing N N 133 
U   "C3'" "H3'"  sing N N 134 
U   "O3'" "HO3'" sing N N 135 
U   "C2'" "O2'"  sing N N 136 
U   "C2'" "C1'"  sing N N 137 
U   "C2'" "H2'"  sing N N 138 
U   "O2'" "HO2'" sing N N 139 
U   "C1'" N1     sing N N 140 
U   "C1'" "H1'"  sing N N 141 
U   N1    C2     sing N N 142 
U   N1    C6     sing N N 143 
U   C2    O2     doub N N 144 
U   C2    N3     sing N N 145 
U   N3    C4     sing N N 146 
U   N3    H3     sing N N 147 
U   C4    O4     doub N N 148 
U   C4    C5     sing N N 149 
U   C5    C6     doub N N 150 
U   C5    H5     sing N N 151 
U   C6    H6     sing N N 152 
# 
loop_
_ndb_struct_conf_na.entry_id 
_ndb_struct_conf_na.feature 
5VGW 'double helix'        
5VGW 'a-form double helix' 
5VGW tetraloop             
# 
loop_
_ndb_struct_na_base_pair.model_number 
_ndb_struct_na_base_pair.i_label_asym_id 
_ndb_struct_na_base_pair.i_label_comp_id 
_ndb_struct_na_base_pair.i_label_seq_id 
_ndb_struct_na_base_pair.i_symmetry 
_ndb_struct_na_base_pair.j_label_asym_id 
_ndb_struct_na_base_pair.j_label_comp_id 
_ndb_struct_na_base_pair.j_label_seq_id 
_ndb_struct_na_base_pair.j_symmetry 
_ndb_struct_na_base_pair.shear 
_ndb_struct_na_base_pair.stretch 
_ndb_struct_na_base_pair.stagger 
_ndb_struct_na_base_pair.buckle 
_ndb_struct_na_base_pair.propeller 
_ndb_struct_na_base_pair.opening 
_ndb_struct_na_base_pair.pair_number 
_ndb_struct_na_base_pair.pair_name 
_ndb_struct_na_base_pair.i_auth_asym_id 
_ndb_struct_na_base_pair.i_auth_seq_id 
_ndb_struct_na_base_pair.i_PDB_ins_code 
_ndb_struct_na_base_pair.j_auth_asym_id 
_ndb_struct_na_base_pair.j_auth_seq_id 
_ndb_struct_na_base_pair.j_PDB_ins_code 
_ndb_struct_na_base_pair.hbond_type_28 
_ndb_struct_na_base_pair.hbond_type_12 
1 A C 1  1_555 B G 13 1_555 0.270  -0.194 -0.391 2.399   -18.289 -0.363  1  A_C1:G13_B  A 1  ? B 13 ? 19 1 
1 A U 2  1_555 B U 12 1_555 -1.977 -1.707 0.351  0.815   -21.187 17.719  2  A_U2:U12_B  A 2  ? B 12 ? 16 1 
1 A G 3  1_555 B C 11 1_555 -0.372 -0.179 -0.565 -10.632 -27.237 2.878   3  A_G3:C11_B  A 3  ? B 11 ? 19 1 
1 A C 4  1_555 B G 10 1_555 0.236  0.196  0.602  -9.902  -8.595  -0.072  4  A_C4:G10_B  A 4  ? B 10 ? 19 1 
1 A U 5  1_555 B U 9  1_555 -2.306 -1.320 0.162  0.886   -6.583  -24.637 5  A_U5:U9_B   A 5  ? B 9  ? ?  ? 
1 A G 6  1_555 B C 8  1_555 0.237  0.022  0.131  2.469   -12.426 -1.370  6  A_G6:C8_B   A 6  ? B 8  ? 19 1 
1 A G 7  1_555 B C 7  1_555 0.107  0.187  -0.190 -4.258  -9.794  2.635   7  A_G7:C7_B   A 7  ? B 7  ? 19 1 
1 A C 8  1_555 B G 6  1_555 -0.399 0.061  0.383  -2.484  -6.744  -1.138  8  A_C8:G6_B   A 8  ? B 6  ? 19 1 
1 B A 4  1_555 A U 9  1_555 -4.463 -2.359 -0.322 18.393  -1.845  -87.422 9  B_A4:U9_A   B 4  ? A 9  ? 24 4 
1 A A 11 1_555 B U 5  1_555 -0.414 0.193  -0.530 -23.658 28.168  -4.963  10 A_A11:U5_B  A 11 ? B 5  ? 20 1 
1 A G 12 1_555 B U 3  1_555 -2.431 -0.596 -0.051 -3.533  -17.134 -1.818  11 A_G12:U3_B  A 12 ? B 3  ? 28 1 
1 A G 13 1_555 B C 2  1_555 -0.014 0.023  0.283  3.722   -12.087 2.923   12 A_G13:C2_B  A 13 ? B 2  ? 19 1 
1 A C 14 1_555 B G 1  1_555 0.041  -0.040 -0.267 6.600   -16.597 3.523   13 A_C14:G1_B  A 14 ? B 1  ? 19 1 
1 A C 15 1_555 A G 22 1_555 0.247  -0.090 -0.430 5.932   -11.839 0.395   14 A_C15:G22_A A 15 ? A 22 ? 19 1 
1 A C 16 1_555 A G 21 1_555 0.238  0.036  -0.385 4.338   0.599   2.626   15 A_C16:G21_A A 16 ? A 21 ? 19 1 
1 A G 17 1_555 A A 20 1_555 7.256  -5.325 1.064  9.755   -13.493 -13.579 16 A_G17:A20_A A 17 ? A 20 ? ?  ? 
# 
loop_
_ndb_struct_na_base_pair_step.model_number 
_ndb_struct_na_base_pair_step.i_label_asym_id_1 
_ndb_struct_na_base_pair_step.i_label_comp_id_1 
_ndb_struct_na_base_pair_step.i_label_seq_id_1 
_ndb_struct_na_base_pair_step.i_symmetry_1 
_ndb_struct_na_base_pair_step.j_label_asym_id_1 
_ndb_struct_na_base_pair_step.j_label_comp_id_1 
_ndb_struct_na_base_pair_step.j_label_seq_id_1 
_ndb_struct_na_base_pair_step.j_symmetry_1 
_ndb_struct_na_base_pair_step.i_label_asym_id_2 
_ndb_struct_na_base_pair_step.i_label_comp_id_2 
_ndb_struct_na_base_pair_step.i_label_seq_id_2 
_ndb_struct_na_base_pair_step.i_symmetry_2 
_ndb_struct_na_base_pair_step.j_label_asym_id_2 
_ndb_struct_na_base_pair_step.j_label_comp_id_2 
_ndb_struct_na_base_pair_step.j_label_seq_id_2 
_ndb_struct_na_base_pair_step.j_symmetry_2 
_ndb_struct_na_base_pair_step.shift 
_ndb_struct_na_base_pair_step.slide 
_ndb_struct_na_base_pair_step.rise 
_ndb_struct_na_base_pair_step.tilt 
_ndb_struct_na_base_pair_step.roll 
_ndb_struct_na_base_pair_step.twist 
_ndb_struct_na_base_pair_step.x_displacement 
_ndb_struct_na_base_pair_step.y_displacement 
_ndb_struct_na_base_pair_step.helical_rise 
_ndb_struct_na_base_pair_step.inclination 
_ndb_struct_na_base_pair_step.tip 
_ndb_struct_na_base_pair_step.helical_twist 
_ndb_struct_na_base_pair_step.step_number 
_ndb_struct_na_base_pair_step.step_name 
_ndb_struct_na_base_pair_step.i_auth_asym_id_1 
_ndb_struct_na_base_pair_step.i_auth_seq_id_1 
_ndb_struct_na_base_pair_step.i_PDB_ins_code_1 
_ndb_struct_na_base_pair_step.j_auth_asym_id_1 
_ndb_struct_na_base_pair_step.j_auth_seq_id_1 
_ndb_struct_na_base_pair_step.j_PDB_ins_code_1 
_ndb_struct_na_base_pair_step.i_auth_asym_id_2 
_ndb_struct_na_base_pair_step.i_auth_seq_id_2 
_ndb_struct_na_base_pair_step.i_PDB_ins_code_2 
_ndb_struct_na_base_pair_step.j_auth_asym_id_2 
_ndb_struct_na_base_pair_step.j_auth_seq_id_2 
_ndb_struct_na_base_pair_step.j_PDB_ins_code_2 
1 A C 1  1_555 B G 13 1_555 A U 2  1_555 B U 12 1_555 0.532  -0.651 3.122  -11.697  16.082   28.457 -3.287 -2.488 2.108 28.707  
20.880  34.599  1  AA_C1U2:U12G13_BB   A 1  ? B 13 ? A 2  ? B 12 ? 
1 A U 2  1_555 B U 12 1_555 A G 3  1_555 B C 11 1_555 -0.997 -0.717 3.712  1.879    14.968   42.695 -2.405 1.483  3.253 19.833  
-2.490  45.164  2  AA_U2G3:C11U12_BB   A 2  ? B 12 ? A 3  ? B 11 ? 
1 A G 3  1_555 B C 11 1_555 A C 4  1_555 B G 10 1_555 0.204  -1.425 3.286  -7.206   5.624    30.578 -3.578 -1.632 2.864 10.377  
13.295  31.884  3  AA_G3C4:G10C11_BB   A 3  ? B 11 ? A 4  ? B 10 ? 
1 A C 4  1_555 B G 10 1_555 A U 5  1_555 B U 9  1_555 -1.094 -2.621 2.724  0.364    7.423    20.261 -9.057 3.024  1.649 20.242  
-0.993  21.568  4  AA_C4U5:U9G10_BB    A 4  ? B 10 ? A 5  ? B 9  ? 
1 A U 5  1_555 B U 9  1_555 A G 6  1_555 B C 8  1_555 1.496  -1.658 3.220  1.431    6.966    45.958 -2.662 -1.781 2.995 8.859   
-1.819  46.475  5  AA_U5G6:C8U9_BB     A 5  ? B 9  ? A 6  ? B 8  ? 
1 A G 6  1_555 B C 8  1_555 A G 7  1_555 B C 7  1_555 0.688  -1.992 3.373  1.122    6.115    30.555 -4.846 -1.072 2.951 11.455  
-2.102  31.167  6  AA_G6G7:C7C8_BB     A 6  ? B 8  ? A 7  ? B 7  ? 
1 A G 7  1_555 B C 7  1_555 A C 8  1_555 B G 6  1_555 -0.777 -2.534 3.205  -5.773   -2.388   27.501 -4.624 0.198  3.495 -4.943  
11.950  28.188  7  AA_G7C8:G6C7_BB     A 7  ? B 7  ? A 8  ? B 6  ? 
1 A C 8  1_555 B G 6  1_555 B A 4  1_555 A U 9  1_555 -0.120 -4.643 -1.327 -129.913 -108.131 43.501 -2.109 -0.206 2.349 -56.272 
67.607  169.809 8  AB_C8A4:U9G6_AB     A 8  ? B 6  ? B 4  ? A 9  ? 
1 B A 4  1_555 A U 9  1_555 A A 11 1_555 B U 5  1_555 -2.458 3.652  2.500  -145.747 -24.345  72.581 2.102  -0.106 2.966 -13.229 
79.197  154.141 9  BA_A4A11:U5U9_BA    B 4  ? A 9  ? A 11 ? B 5  ? 
1 A A 11 1_555 B U 5  1_555 A G 12 1_555 B U 3  1_555 4.624  -0.093 2.537  -6.776   28.941   63.566 -0.836 -4.233 1.906 26.036  
6.096   69.507  10 AA_A11G12:U3U5_BB   A 11 ? B 5  ? A 12 ? B 3  ? 
1 A G 12 1_555 B U 3  1_555 A G 13 1_555 B C 2  1_555 0.044  -1.125 3.048  -4.953   4.561    40.684 -2.048 -0.551 2.886 6.506   
7.066   41.214  11 AA_G12G13:C2U3_BB   A 12 ? B 3  ? A 13 ? B 2  ? 
1 A G 13 1_555 B C 2  1_555 A C 14 1_555 B G 1  1_555 0.880  -1.978 3.136  6.602    5.591    29.533 -4.753 -0.451 2.848 10.683  
-12.613 30.747  12 AA_G13C14:G1C2_BB   A 13 ? B 2  ? A 14 ? B 1  ? 
1 A C 14 1_555 B G 1  1_555 A C 15 1_555 A G 22 1_555 -0.722 -1.974 3.345  -1.964   7.869    30.998 -4.939 0.969  2.811 14.417  
3.598   32.017  13 AA_C14C15:G22G1_AB  A 14 ? B 1  ? A 15 ? A 22 ? 
1 A C 15 1_555 A G 22 1_555 A C 16 1_555 A G 21 1_555 -0.086 -1.560 3.428  -0.171   9.698    30.681 -4.517 0.125  2.817 17.779  
0.314   32.143  14 AA_C15C16:G21G22_AA A 15 ? A 22 ? A 16 ? A 21 ? 
1 A C 16 1_555 A G 21 1_555 A G 17 1_555 A A 20 1_555 -1.765 -0.905 3.228  -2.914   14.917   55.807 -1.717 1.677  2.999 15.617  
3.051   57.679  15 AA_C16G17:A20G21_AA A 16 ? A 21 ? A 17 ? A 20 ? 
# 
_pdbx_entity_nonpoly.entity_id   3 
_pdbx_entity_nonpoly.name        water 
_pdbx_entity_nonpoly.comp_id     HOH 
# 
_pdbx_initial_refinement_model.id               1 
_pdbx_initial_refinement_model.entity_id_list   ? 
_pdbx_initial_refinement_model.type             'experimental model' 
_pdbx_initial_refinement_model.source_name      PDB 
_pdbx_initial_refinement_model.accession_code   4FNJ 
_pdbx_initial_refinement_model.details          ? 
# 
_pdbx_struct_assembly_auth_evidence.id                     1 
_pdbx_struct_assembly_auth_evidence.assembly_id            1 
_pdbx_struct_assembly_auth_evidence.experimental_support   none 
_pdbx_struct_assembly_auth_evidence.details                ? 
# 
